data_7OT1
#
_entry.id   7OT1
#
_cell.length_a   70.273
_cell.length_b   88.968
_cell.length_c   84.749
_cell.angle_alpha   90.000
_cell.angle_beta   110.340
_cell.angle_gamma   90.000
#
_symmetry.space_group_name_H-M   'P 1 21 1'
#
loop_
_entity.id
_entity.type
_entity.pdbx_description
1 polymer 'Bifunctional glutamate/proline--tRNA ligase'
2 non-polymer PROLINE
3 non-polymer ~{N}-[(2-methylphenyl)methyl]-3-[(2-methylphenyl)methylamino]pyrazine-2-carboxamide
4 non-polymer 'ZINC ION'
5 non-polymer 'STRONTIUM ION'
6 water water
#
_entity_poly.entity_id   1
_entity_poly.type   'polypeptide(L)'
_entity_poly.pdbx_seq_one_letter_code
;GAGEGQGPKKQTRLGLEAKKEENLADWYSQVITKSEMIEYHDISGCYILRPWAYAIWEAIKDFFDAEIKKLGVENCYFPM
FVSQSALEKEKTHVADFAPEVAWVTRSGKTELAEPIAIRPTSETVMYPAYAKWVQSHRDLPIKLNQWCNVVRWEFKHPQP
FLRTREFLWQEGHSAFATMEEAAEEVLQILDLYAQVYEELLAIPVVKGRKTEKEKFAGGDYTTTIEAFISASGRAIQGGT
SHHLGQNFSKMFEIVFEDPKIPGEKQFAYQNSWGLTTRTIGVMTMVHGDNMGLVLPPRVACVQVVIIPCGITNALSEEDK
EALIAKCNDYRRRLLSVNIRVRADLRDNYSPGWKFNHWELKGVPIRLEVGPRDMKSCQFVAVRRDTGEKLTVAENEAETK
LQAILEDIQVTLFTRASEDLKTHMVVANTMEDFQKILDSGKIVQIPFCGEIDCEDWIKKTTARDQDLEPGAPSMGAKSLC
IPFKPLCELQPGAKCVCGKNPAKYYTLFGRSY
;
_entity_poly.pdbx_strand_id   A,B
#
# COMPACT_ATOMS: atom_id res chain seq x y z
N LEU A 16 3.60 -33.21 2.31
CA LEU A 16 2.19 -32.93 2.57
C LEU A 16 1.47 -34.19 3.05
N GLU A 17 1.02 -34.16 4.30
CA GLU A 17 0.42 -35.34 4.92
C GLU A 17 -1.09 -35.43 4.68
N ALA A 18 -1.78 -34.29 4.60
CA ALA A 18 -3.21 -34.29 4.41
C ALA A 18 -3.57 -34.31 2.93
N LYS A 19 -4.73 -34.89 2.63
CA LYS A 19 -5.24 -34.96 1.27
C LYS A 19 -6.39 -33.96 1.08
N LYS A 20 -6.59 -33.57 -0.17
CA LYS A 20 -7.57 -32.52 -0.47
C LYS A 20 -9.00 -33.07 -0.45
N GLU A 21 -9.20 -34.27 -0.98
CA GLU A 21 -10.54 -34.86 -1.00
C GLU A 21 -10.98 -35.35 0.38
N GLU A 22 -10.04 -35.59 1.28
CA GLU A 22 -10.36 -36.12 2.60
C GLU A 22 -10.51 -35.00 3.62
N ASN A 23 -9.39 -34.54 4.17
CA ASN A 23 -9.37 -33.46 5.16
C ASN A 23 -8.96 -32.18 4.44
N LEU A 24 -9.95 -31.41 4.02
CA LEU A 24 -9.67 -30.19 3.25
C LEU A 24 -9.19 -29.06 4.15
N ALA A 25 -9.76 -28.93 5.34
CA ALA A 25 -9.37 -27.84 6.23
C ALA A 25 -7.91 -27.97 6.66
N ASP A 26 -7.50 -29.17 7.06
CA ASP A 26 -6.12 -29.38 7.45
C ASP A 26 -5.18 -29.35 6.24
N TRP A 27 -5.67 -29.72 5.06
CA TRP A 27 -4.87 -29.59 3.86
C TRP A 27 -4.58 -28.12 3.54
N TYR A 28 -5.60 -27.26 3.68
CA TYR A 28 -5.41 -25.84 3.37
C TYR A 28 -4.41 -25.20 4.31
N SER A 29 -4.42 -25.60 5.58
CA SER A 29 -3.49 -25.03 6.55
C SER A 29 -2.06 -25.47 6.26
N GLN A 30 -1.87 -26.73 5.88
CA GLN A 30 -0.51 -27.20 5.57
C GLN A 30 0.01 -26.62 4.27
N VAL A 31 -0.88 -26.31 3.33
CA VAL A 31 -0.44 -25.80 2.03
C VAL A 31 0.02 -24.35 2.16
N ILE A 32 -0.77 -23.52 2.86
CA ILE A 32 -0.43 -22.10 2.97
C ILE A 32 0.78 -21.88 3.85
N THR A 33 1.14 -22.85 4.69
CA THR A 33 2.30 -22.71 5.58
C THR A 33 3.56 -23.29 4.96
N LYS A 34 3.47 -24.50 4.40
CA LYS A 34 4.65 -25.12 3.81
C LYS A 34 5.08 -24.41 2.53
N SER A 35 4.14 -23.77 1.83
CA SER A 35 4.48 -22.94 0.68
C SER A 35 5.04 -21.58 1.10
N GLU A 36 5.20 -21.33 2.40
CA GLU A 36 5.75 -20.08 2.92
C GLU A 36 4.91 -18.89 2.49
N MET A 37 3.59 -19.06 2.50
CA MET A 37 2.66 -18.00 2.18
C MET A 37 2.04 -17.35 3.41
N ILE A 38 1.75 -18.13 4.44
CA ILE A 38 1.02 -17.67 5.61
C ILE A 38 1.76 -18.13 6.86
N GLU A 39 1.91 -17.21 7.82
CA GLU A 39 2.42 -17.53 9.14
C GLU A 39 1.37 -17.14 10.18
N TYR A 40 1.13 -18.02 11.14
CA TYR A 40 0.11 -17.80 12.15
C TYR A 40 0.58 -16.80 13.19
N HIS A 41 -0.28 -15.85 13.53
CA HIS A 41 -0.01 -14.90 14.59
C HIS A 41 -0.48 -15.49 15.92
N ASP A 42 -0.75 -14.66 16.92
CA ASP A 42 -1.32 -15.12 18.17
C ASP A 42 -2.63 -14.41 18.53
N ILE A 43 -3.03 -13.40 17.78
CA ILE A 43 -4.35 -12.80 17.90
C ILE A 43 -5.26 -13.51 16.90
N SER A 44 -6.30 -14.17 17.41
CA SER A 44 -7.18 -14.96 16.55
C SER A 44 -7.86 -14.10 15.50
N GLY A 45 -7.73 -14.48 14.24
CA GLY A 45 -8.27 -13.75 13.13
C GLY A 45 -7.25 -12.99 12.30
N CYS A 46 -6.00 -12.97 12.73
CA CYS A 46 -4.93 -12.25 12.04
C CYS A 46 -3.88 -13.23 11.55
N TYR A 47 -3.34 -12.96 10.36
CA TYR A 47 -2.35 -13.83 9.76
C TYR A 47 -1.26 -12.99 9.10
N ILE A 48 -0.09 -13.59 8.95
CA ILE A 48 1.08 -12.93 8.39
C ILE A 48 1.18 -13.27 6.91
N LEU A 49 1.13 -12.25 6.06
CA LEU A 49 1.25 -12.42 4.61
C LEU A 49 2.73 -12.43 4.27
N ARG A 50 3.30 -13.62 4.10
CA ARG A 50 4.72 -13.76 3.81
C ARG A 50 5.01 -13.31 2.38
N PRO A 51 6.28 -13.01 2.07
CA PRO A 51 6.61 -12.47 0.73
C PRO A 51 6.16 -13.35 -0.43
N TRP A 52 6.05 -14.67 -0.23
CA TRP A 52 5.63 -15.53 -1.33
C TRP A 52 4.17 -15.30 -1.69
N ALA A 53 3.32 -15.05 -0.70
CA ALA A 53 1.93 -14.68 -0.94
C ALA A 53 1.74 -13.20 -1.20
N TYR A 54 2.65 -12.35 -0.71
CA TYR A 54 2.53 -10.92 -0.95
C TYR A 54 2.85 -10.57 -2.39
N ALA A 55 3.69 -11.36 -3.05
CA ALA A 55 4.00 -11.10 -4.45
C ALA A 55 2.80 -11.34 -5.35
N ILE A 56 1.89 -12.23 -4.94
CA ILE A 56 0.66 -12.43 -5.70
C ILE A 56 -0.25 -11.22 -5.58
N TRP A 57 -0.31 -10.63 -4.37
CA TRP A 57 -1.16 -9.46 -4.16
C TRP A 57 -0.65 -8.26 -4.96
N GLU A 58 0.67 -8.09 -5.03
CA GLU A 58 1.22 -6.98 -5.81
C GLU A 58 0.98 -7.20 -7.30
N ALA A 59 1.04 -8.44 -7.77
CA ALA A 59 0.73 -8.72 -9.17
C ALA A 59 -0.72 -8.39 -9.49
N ILE A 60 -1.61 -8.54 -8.51
CA ILE A 60 -3.00 -8.12 -8.70
C ILE A 60 -3.10 -6.59 -8.64
N LYS A 61 -2.29 -5.97 -7.78
CA LYS A 61 -2.33 -4.51 -7.67
C LYS A 61 -1.84 -3.85 -8.95
N ASP A 62 -0.67 -4.27 -9.45
CA ASP A 62 -0.11 -3.67 -10.65
C ASP A 62 -0.96 -3.92 -11.89
N PHE A 63 -1.80 -4.95 -11.87
CA PHE A 63 -2.74 -5.18 -12.97
C PHE A 63 -4.02 -4.37 -12.81
N PHE A 64 -4.60 -4.39 -11.60
CA PHE A 64 -5.86 -3.70 -11.38
C PHE A 64 -5.67 -2.18 -11.41
N ASP A 65 -4.53 -1.69 -10.90
CA ASP A 65 -4.28 -0.26 -10.90
C ASP A 65 -4.10 0.28 -12.32
N ALA A 66 -3.48 -0.51 -13.19
CA ALA A 66 -3.30 -0.08 -14.57
C ALA A 66 -4.62 0.00 -15.32
N GLU A 67 -5.62 -0.78 -14.87
CA GLU A 67 -6.91 -0.78 -15.55
C GLU A 67 -7.81 0.35 -15.05
N ILE A 68 -7.84 0.58 -13.74
CA ILE A 68 -8.73 1.60 -13.20
C ILE A 68 -8.21 3.00 -13.53
N LYS A 69 -6.89 3.17 -13.67
CA LYS A 69 -6.35 4.46 -14.03
C LYS A 69 -6.59 4.78 -15.50
N LYS A 70 -6.88 3.77 -16.34
CA LYS A 70 -7.39 4.04 -17.68
C LYS A 70 -8.78 4.64 -17.62
N LEU A 71 -9.60 4.17 -16.69
CA LEU A 71 -10.96 4.65 -16.51
C LEU A 71 -11.03 6.01 -15.82
N GLY A 72 -9.90 6.57 -15.42
CA GLY A 72 -9.88 7.86 -14.76
C GLY A 72 -9.83 7.82 -13.24
N VAL A 73 -9.68 6.64 -12.65
CA VAL A 73 -9.62 6.53 -11.19
C VAL A 73 -8.22 6.85 -10.73
N GLU A 74 -8.13 7.57 -9.61
CA GLU A 74 -6.85 7.99 -9.04
C GLU A 74 -6.73 7.48 -7.61
N ASN A 75 -5.53 7.04 -7.24
CA ASN A 75 -5.32 6.44 -5.94
C ASN A 75 -5.07 7.52 -4.88
N CYS A 76 -5.48 7.20 -3.65
CA CYS A 76 -5.37 8.13 -2.53
C CYS A 76 -5.31 7.29 -1.25
N TYR A 77 -5.54 7.94 -0.11
CA TYR A 77 -5.59 7.25 1.17
C TYR A 77 -6.38 8.10 2.16
N PHE A 78 -7.33 7.47 2.84
CA PHE A 78 -8.20 8.14 3.81
C PHE A 78 -7.92 7.62 5.22
N PRO A 79 -8.29 8.39 6.25
CA PRO A 79 -8.06 7.94 7.62
C PRO A 79 -8.76 6.62 7.93
N MET A 80 -8.12 5.83 8.78
CA MET A 80 -8.67 4.53 9.19
C MET A 80 -9.73 4.66 10.27
N PHE A 81 -9.73 5.77 11.00
CA PHE A 81 -10.59 5.94 12.16
C PHE A 81 -11.86 6.70 11.81
N VAL A 82 -12.99 6.25 12.37
CA VAL A 82 -14.28 6.87 12.17
C VAL A 82 -14.81 7.33 13.52
N SER A 83 -15.33 8.55 13.57
CA SER A 83 -15.92 9.06 14.80
C SER A 83 -17.27 8.39 15.07
N GLN A 84 -17.68 8.44 16.34
CA GLN A 84 -18.96 7.83 16.71
C GLN A 84 -20.13 8.57 16.07
N SER A 85 -19.98 9.86 15.80
CA SER A 85 -21.06 10.63 15.17
C SER A 85 -21.13 10.39 13.68
N ALA A 86 -20.01 10.10 13.03
CA ALA A 86 -20.01 9.90 11.58
C ALA A 86 -20.60 8.54 11.21
N LEU A 87 -20.48 7.55 12.08
CA LEU A 87 -21.03 6.23 11.78
C LEU A 87 -22.55 6.23 11.85
N GLU A 88 -23.13 7.10 12.66
CA GLU A 88 -24.58 7.18 12.83
C GLU A 88 -25.22 8.15 11.84
N LYS A 89 -24.51 8.53 10.77
CA LYS A 89 -25.08 9.42 9.77
C LYS A 89 -26.01 8.68 8.83
N GLU A 90 -25.58 7.54 8.32
CA GLU A 90 -26.42 6.67 7.49
C GLU A 90 -26.94 5.54 8.38
N LYS A 91 -28.25 5.55 8.63
CA LYS A 91 -28.82 4.60 9.58
C LYS A 91 -28.72 3.16 9.08
N THR A 92 -29.12 2.94 7.82
CA THR A 92 -29.08 1.58 7.27
C THR A 92 -27.65 1.08 7.12
N HIS A 93 -26.70 1.99 6.90
CA HIS A 93 -25.30 1.58 6.75
C HIS A 93 -24.72 1.10 8.08
N VAL A 94 -25.18 1.65 9.20
CA VAL A 94 -24.66 1.27 10.51
C VAL A 94 -25.43 0.12 11.15
N ALA A 95 -26.56 -0.28 10.58
CA ALA A 95 -27.37 -1.35 11.16
C ALA A 95 -26.66 -2.69 11.06
N ASP A 96 -26.45 -3.19 9.84
CA ASP A 96 -25.81 -4.47 9.63
C ASP A 96 -24.31 -4.44 9.94
N PHE A 97 -23.72 -3.26 10.10
CA PHE A 97 -22.30 -3.11 10.37
C PHE A 97 -21.98 -2.92 11.85
N ALA A 98 -22.99 -2.68 12.69
CA ALA A 98 -22.72 -2.41 14.11
C ALA A 98 -22.05 -3.57 14.83
N PRO A 99 -22.52 -4.82 14.73
CA PRO A 99 -21.83 -5.91 15.45
C PRO A 99 -20.49 -6.29 14.85
N GLU A 100 -20.15 -5.77 13.68
CA GLU A 100 -18.92 -6.15 12.99
C GLU A 100 -17.80 -5.12 13.15
N VAL A 101 -18.06 -4.02 13.86
CA VAL A 101 -17.09 -2.94 13.96
C VAL A 101 -16.33 -3.05 15.28
N ALA A 102 -15.06 -2.65 15.26
CA ALA A 102 -14.22 -2.64 16.44
C ALA A 102 -13.96 -1.19 16.86
N TRP A 103 -14.05 -0.93 18.16
CA TRP A 103 -13.93 0.41 18.70
C TRP A 103 -12.64 0.57 19.49
N VAL A 104 -12.02 1.73 19.35
CA VAL A 104 -10.85 2.12 20.14
C VAL A 104 -11.31 3.18 21.13
N THR A 105 -11.21 2.86 22.43
CA THR A 105 -11.75 3.72 23.47
C THR A 105 -10.67 4.43 24.30
N ARG A 106 -9.41 4.03 24.19
CA ARG A 106 -8.37 4.65 24.99
C ARG A 106 -7.02 4.43 24.34
N SER A 107 -6.10 5.36 24.62
CA SER A 107 -4.69 5.25 24.21
C SER A 107 -3.87 5.17 25.49
N GLY A 108 -3.29 4.01 25.75
CA GLY A 108 -2.59 3.83 27.01
C GLY A 108 -3.60 3.62 28.13
N LYS A 109 -3.37 4.27 29.26
CA LYS A 109 -4.29 4.22 30.39
C LYS A 109 -5.18 5.46 30.46
N THR A 110 -5.38 6.14 29.33
CA THR A 110 -6.14 7.38 29.27
C THR A 110 -7.32 7.20 28.32
N GLU A 111 -8.53 7.27 28.86
CA GLU A 111 -9.73 7.16 28.03
C GLU A 111 -9.83 8.36 27.10
N LEU A 112 -10.19 8.10 25.85
CA LEU A 112 -10.25 9.15 24.84
C LEU A 112 -11.47 10.04 25.08
N ALA A 113 -11.63 11.03 24.19
CA ALA A 113 -12.77 11.92 24.29
C ALA A 113 -14.07 11.20 23.93
N GLU A 114 -14.10 10.58 22.75
CA GLU A 114 -15.25 9.83 22.27
C GLU A 114 -14.73 8.53 21.67
N PRO A 115 -15.44 7.42 21.85
CA PRO A 115 -15.01 6.16 21.25
C PRO A 115 -14.82 6.27 19.75
N ILE A 116 -13.76 5.64 19.25
CA ILE A 116 -13.37 5.71 17.84
C ILE A 116 -13.37 4.31 17.26
N ALA A 117 -13.90 4.18 16.06
CA ALA A 117 -14.04 2.89 15.39
C ALA A 117 -13.01 2.72 14.28
N ILE A 118 -12.60 1.47 14.06
CA ILE A 118 -11.76 1.11 12.93
C ILE A 118 -12.65 0.85 11.73
N ARG A 119 -12.18 1.24 10.56
CA ARG A 119 -13.02 1.21 9.36
C ARG A 119 -13.36 -0.21 8.94
N PRO A 120 -14.65 -0.58 8.86
CA PRO A 120 -15.01 -1.81 8.15
C PRO A 120 -15.22 -1.51 6.67
N THR A 121 -15.39 -0.22 6.37
CA THR A 121 -15.53 0.33 5.03
C THR A 121 -15.43 1.84 5.16
N SER A 122 -14.99 2.50 4.09
CA SER A 122 -14.64 3.91 4.13
C SER A 122 -15.74 4.81 3.57
N GLU A 123 -16.98 4.32 3.49
CA GLU A 123 -18.06 5.15 2.96
C GLU A 123 -18.33 6.36 3.85
N THR A 124 -18.36 6.15 5.17
CA THR A 124 -18.63 7.24 6.10
C THR A 124 -17.43 8.16 6.31
N VAL A 125 -16.26 7.79 5.81
CA VAL A 125 -15.06 8.62 5.97
C VAL A 125 -14.86 9.54 4.78
N MET A 126 -15.16 9.06 3.58
CA MET A 126 -14.88 9.81 2.35
C MET A 126 -16.02 10.74 1.98
N TYR A 127 -17.27 10.31 2.18
CA TYR A 127 -18.42 11.06 1.68
C TYR A 127 -18.61 12.41 2.38
N PRO A 128 -18.22 12.56 3.66
CA PRO A 128 -18.12 13.93 4.19
C PRO A 128 -17.11 14.78 3.43
N ALA A 129 -16.00 14.19 2.97
CA ALA A 129 -15.06 14.93 2.15
C ALA A 129 -15.57 15.11 0.73
N TYR A 130 -16.34 14.15 0.21
CA TYR A 130 -16.95 14.31 -1.11
C TYR A 130 -17.92 15.48 -1.13
N ALA A 131 -18.57 15.77 -0.01
CA ALA A 131 -19.49 16.90 0.06
C ALA A 131 -18.77 18.23 -0.08
N LYS A 132 -17.55 18.34 0.45
CA LYS A 132 -16.79 19.56 0.33
C LYS A 132 -16.16 19.72 -1.05
N TRP A 133 -15.84 18.60 -1.71
CA TRP A 133 -15.21 18.66 -3.02
C TRP A 133 -16.23 18.90 -4.12
N VAL A 134 -17.41 18.31 -4.01
CA VAL A 134 -18.45 18.45 -5.02
C VAL A 134 -19.26 19.70 -4.70
N GLN A 135 -19.10 20.73 -5.54
CA GLN A 135 -19.88 21.95 -5.41
C GLN A 135 -20.45 22.44 -6.73
N SER A 136 -20.09 21.82 -7.86
CA SER A 136 -20.63 22.20 -9.15
C SER A 136 -20.52 21.01 -10.09
N HIS A 137 -21.14 21.15 -11.27
CA HIS A 137 -21.12 20.06 -12.24
C HIS A 137 -19.71 19.82 -12.77
N ARG A 138 -18.85 20.83 -12.71
CA ARG A 138 -17.50 20.67 -13.22
C ARG A 138 -16.66 19.80 -12.31
N ASP A 139 -17.02 19.69 -11.03
CA ASP A 139 -16.23 18.92 -10.08
C ASP A 139 -16.67 17.46 -10.10
N LEU A 140 -17.08 16.97 -11.26
CA LEU A 140 -17.55 15.60 -11.43
C LEU A 140 -17.08 15.07 -12.78
N PRO A 141 -16.84 13.76 -12.88
CA PRO A 141 -16.98 12.77 -11.80
C PRO A 141 -15.74 12.63 -10.94
N ILE A 142 -15.93 12.28 -9.67
CA ILE A 142 -14.84 11.98 -8.75
C ILE A 142 -14.66 10.47 -8.74
N LYS A 143 -13.44 10.01 -9.02
CA LYS A 143 -13.12 8.59 -9.04
C LYS A 143 -11.87 8.38 -8.19
N LEU A 144 -12.04 7.74 -7.04
CA LEU A 144 -10.95 7.53 -6.09
C LEU A 144 -10.87 6.07 -5.71
N ASN A 145 -9.65 5.63 -5.37
CA ASN A 145 -9.39 4.25 -4.97
C ASN A 145 -8.23 4.25 -3.99
N GLN A 146 -8.23 3.27 -3.10
CA GLN A 146 -7.14 3.15 -2.13
C GLN A 146 -6.92 1.68 -1.78
N TRP A 147 -5.66 1.30 -1.66
CA TRP A 147 -5.27 -0.03 -1.18
C TRP A 147 -4.93 0.11 0.30
N CYS A 148 -5.71 -0.53 1.15
CA CYS A 148 -5.57 -0.37 2.59
C CYS A 148 -6.02 -1.65 3.28
N ASN A 149 -6.30 -1.55 4.58
CA ASN A 149 -6.78 -2.66 5.38
C ASN A 149 -8.05 -2.26 6.11
N VAL A 150 -8.89 -3.25 6.39
CA VAL A 150 -10.16 -3.03 7.08
C VAL A 150 -10.37 -4.16 8.09
N VAL A 151 -11.18 -3.86 9.11
CA VAL A 151 -11.45 -4.78 10.20
C VAL A 151 -12.94 -5.12 10.19
N ARG A 152 -13.25 -6.40 10.11
CA ARG A 152 -14.62 -6.90 10.17
C ARG A 152 -14.68 -7.93 11.30
N TRP A 153 -15.18 -7.52 12.46
CA TRP A 153 -15.18 -8.36 13.66
C TRP A 153 -16.37 -9.31 13.58
N GLU A 154 -16.18 -10.40 12.85
CA GLU A 154 -17.19 -11.45 12.71
C GLU A 154 -16.89 -12.61 13.65
N PHE A 155 -17.94 -13.31 14.05
CA PHE A 155 -17.84 -14.39 15.01
C PHE A 155 -17.77 -15.77 14.34
N LYS A 156 -17.35 -15.82 13.08
CA LYS A 156 -17.21 -17.09 12.38
C LYS A 156 -15.77 -17.59 12.50
N HIS A 157 -15.56 -18.83 12.05
CA HIS A 157 -14.24 -19.44 12.11
C HIS A 157 -13.30 -18.77 11.11
N PRO A 158 -12.22 -18.14 11.56
CA PRO A 158 -11.32 -17.46 10.62
C PRO A 158 -10.45 -18.46 9.86
N GLN A 159 -10.21 -18.13 8.59
CA GLN A 159 -9.29 -18.88 7.74
C GLN A 159 -8.53 -17.88 6.89
N PRO A 160 -7.22 -18.07 6.71
CA PRO A 160 -6.42 -17.08 5.98
C PRO A 160 -6.96 -16.81 4.59
N PHE A 161 -6.78 -15.57 4.14
CA PHE A 161 -7.25 -15.08 2.84
C PHE A 161 -8.78 -15.06 2.78
N LEU A 162 -9.41 -16.22 2.97
CA LEU A 162 -10.85 -16.36 2.84
C LEU A 162 -11.61 -15.50 3.85
N ARG A 163 -11.59 -15.89 5.12
CA ARG A 163 -12.36 -15.22 6.17
C ARG A 163 -11.40 -14.79 7.28
N THR A 164 -11.07 -13.50 7.34
CA THR A 164 -10.22 -12.95 8.39
C THR A 164 -10.83 -11.67 8.92
N ARG A 165 -10.55 -11.37 10.19
CA ARG A 165 -11.02 -10.13 10.78
C ARG A 165 -10.33 -8.92 10.14
N GLU A 166 -9.01 -9.00 9.98
CA GLU A 166 -8.25 -7.99 9.26
C GLU A 166 -7.81 -8.57 7.92
N PHE A 167 -7.97 -7.79 6.86
CA PHE A 167 -7.57 -8.23 5.53
C PHE A 167 -7.29 -7.01 4.67
N LEU A 168 -6.40 -7.19 3.69
CA LEU A 168 -6.07 -6.16 2.73
C LEU A 168 -7.05 -6.19 1.57
N TRP A 169 -7.31 -5.02 0.98
CA TRP A 169 -8.23 -4.92 -0.14
C TRP A 169 -8.01 -3.60 -0.84
N GLN A 170 -8.79 -3.38 -1.89
CA GLN A 170 -8.95 -2.08 -2.50
C GLN A 170 -10.42 -1.70 -2.45
N GLU A 171 -10.69 -0.39 -2.29
CA GLU A 171 -12.07 0.10 -2.29
C GLU A 171 -12.12 1.36 -3.15
N GLY A 172 -12.83 1.27 -4.26
CA GLY A 172 -13.00 2.40 -5.17
C GLY A 172 -14.36 3.04 -4.97
N HIS A 173 -14.35 4.35 -4.73
CA HIS A 173 -15.56 5.13 -4.53
C HIS A 173 -15.66 6.19 -5.61
N SER A 174 -16.79 6.22 -6.31
CA SER A 174 -16.95 7.12 -7.44
C SER A 174 -18.34 7.74 -7.41
N ALA A 175 -18.39 9.07 -7.46
CA ALA A 175 -19.64 9.82 -7.51
C ALA A 175 -19.83 10.40 -8.91
N PHE A 176 -21.03 10.26 -9.46
CA PHE A 176 -21.35 10.71 -10.80
C PHE A 176 -22.47 11.74 -10.77
N ALA A 177 -22.61 12.46 -11.88
CA ALA A 177 -23.66 13.44 -12.05
C ALA A 177 -24.95 12.85 -12.63
N THR A 178 -24.88 11.64 -13.20
CA THR A 178 -26.04 10.98 -13.77
C THR A 178 -26.06 9.52 -13.33
N MET A 179 -27.27 8.96 -13.29
CA MET A 179 -27.41 7.53 -12.99
C MET A 179 -26.91 6.67 -14.14
N GLU A 180 -26.94 7.20 -15.36
CA GLU A 180 -26.49 6.44 -16.52
C GLU A 180 -24.99 6.17 -16.46
N GLU A 181 -24.18 7.20 -16.20
CA GLU A 181 -22.74 6.99 -16.10
C GLU A 181 -22.36 6.21 -14.84
N ALA A 182 -23.16 6.32 -13.78
CA ALA A 182 -22.89 5.53 -12.59
C ALA A 182 -23.16 4.05 -12.82
N ALA A 183 -24.25 3.74 -13.52
CA ALA A 183 -24.56 2.34 -13.82
C ALA A 183 -23.58 1.75 -14.82
N GLU A 184 -22.96 2.58 -15.67
CA GLU A 184 -22.00 2.08 -16.64
C GLU A 184 -20.67 1.72 -15.97
N GLU A 185 -20.32 2.38 -14.87
CA GLU A 185 -19.08 2.06 -14.18
C GLU A 185 -19.21 0.82 -13.32
N VAL A 186 -20.42 0.51 -12.84
CA VAL A 186 -20.63 -0.68 -12.03
C VAL A 186 -20.28 -1.93 -12.82
N LEU A 187 -20.80 -2.03 -14.04
CA LEU A 187 -20.49 -3.18 -14.90
C LEU A 187 -19.06 -3.13 -15.43
N GLN A 188 -18.46 -1.94 -15.52
CA GLN A 188 -17.07 -1.85 -15.92
C GLN A 188 -16.15 -2.45 -14.87
N ILE A 189 -16.37 -2.11 -13.60
CA ILE A 189 -15.52 -2.63 -12.53
C ILE A 189 -15.78 -4.11 -12.32
N LEU A 190 -17.03 -4.55 -12.44
CA LEU A 190 -17.35 -5.96 -12.25
C LEU A 190 -16.66 -6.83 -13.30
N ASP A 191 -16.56 -6.32 -14.54
CA ASP A 191 -15.86 -7.06 -15.57
C ASP A 191 -14.34 -7.04 -15.34
N LEU A 192 -13.84 -6.02 -14.65
CA LEU A 192 -12.42 -6.04 -14.26
C LEU A 192 -12.16 -7.12 -13.23
N TYR A 193 -13.04 -7.25 -12.23
CA TYR A 193 -12.91 -8.33 -11.26
C TYR A 193 -12.95 -9.69 -11.93
N ALA A 194 -13.77 -9.83 -12.98
CA ALA A 194 -13.82 -11.09 -13.72
C ALA A 194 -12.52 -11.35 -14.44
N GLN A 195 -11.86 -10.30 -14.96
CA GLN A 195 -10.57 -10.48 -15.61
C GLN A 195 -9.51 -10.90 -14.61
N VAL A 196 -9.58 -10.39 -13.38
CA VAL A 196 -8.59 -10.75 -12.36
C VAL A 196 -8.67 -12.23 -12.04
N TYR A 197 -9.89 -12.76 -11.90
CA TYR A 197 -10.03 -14.17 -11.54
C TYR A 197 -9.79 -15.09 -12.73
N GLU A 198 -10.21 -14.68 -13.93
CA GLU A 198 -10.13 -15.56 -15.09
C GLU A 198 -8.83 -15.42 -15.87
N GLU A 199 -8.26 -14.21 -15.96
CA GLU A 199 -7.07 -14.00 -16.76
C GLU A 199 -5.78 -13.94 -15.95
N LEU A 200 -5.87 -13.74 -14.63
CA LEU A 200 -4.70 -13.76 -13.76
C LEU A 200 -4.65 -15.00 -12.88
N LEU A 201 -5.77 -15.36 -12.26
CA LEU A 201 -5.82 -16.52 -11.37
C LEU A 201 -6.37 -17.77 -12.04
N ALA A 202 -6.83 -17.66 -13.29
CA ALA A 202 -7.38 -18.79 -14.04
C ALA A 202 -8.55 -19.43 -13.28
N ILE A 203 -9.46 -18.60 -12.81
CA ILE A 203 -10.62 -19.06 -12.03
C ILE A 203 -11.90 -18.55 -12.68
N PRO A 204 -12.72 -19.43 -13.27
CA PRO A 204 -13.99 -18.98 -13.84
C PRO A 204 -14.98 -18.63 -12.75
N VAL A 205 -15.65 -17.49 -12.91
CA VAL A 205 -16.62 -17.00 -11.94
C VAL A 205 -17.93 -16.71 -12.67
N VAL A 206 -18.99 -16.56 -11.88
CA VAL A 206 -20.33 -16.28 -12.39
C VAL A 206 -20.70 -14.86 -11.97
N LYS A 207 -21.05 -14.02 -12.93
CA LYS A 207 -21.43 -12.64 -12.66
C LYS A 207 -22.94 -12.55 -12.48
N GLY A 208 -23.36 -11.85 -11.42
CA GLY A 208 -24.78 -11.72 -11.16
C GLY A 208 -25.05 -10.64 -10.14
N ARG A 209 -26.30 -10.59 -9.69
CA ARG A 209 -26.75 -9.60 -8.73
C ARG A 209 -27.14 -10.27 -7.41
N LYS A 210 -26.91 -9.55 -6.32
CA LYS A 210 -27.27 -10.04 -5.00
C LYS A 210 -28.77 -9.90 -4.76
N THR A 211 -29.28 -10.73 -3.85
CA THR A 211 -30.68 -10.65 -3.46
C THR A 211 -30.89 -9.50 -2.48
N GLU A 212 -32.16 -9.24 -2.17
CA GLU A 212 -32.49 -8.14 -1.27
C GLU A 212 -32.00 -8.38 0.16
N LYS A 213 -31.78 -9.64 0.54
CA LYS A 213 -31.29 -9.95 1.88
C LYS A 213 -29.77 -9.88 1.99
N GLU A 214 -29.06 -10.20 0.90
CA GLU A 214 -27.60 -10.25 0.91
C GLU A 214 -26.97 -9.15 0.07
N LYS A 215 -27.68 -8.03 -0.14
CA LYS A 215 -27.11 -6.91 -0.86
C LYS A 215 -26.50 -5.91 0.13
N PHE A 216 -25.76 -4.96 -0.42
CA PHE A 216 -25.12 -3.94 0.42
C PHE A 216 -26.17 -3.09 1.11
N ALA A 217 -26.02 -2.92 2.42
CA ALA A 217 -26.99 -2.18 3.21
C ALA A 217 -26.99 -0.71 2.81
N GLY A 218 -28.17 -0.16 2.57
CA GLY A 218 -28.32 1.23 2.20
C GLY A 218 -28.05 1.55 0.75
N GLY A 219 -27.82 0.55 -0.10
CA GLY A 219 -27.57 0.76 -1.50
C GLY A 219 -28.73 0.29 -2.37
N ASP A 220 -28.66 0.66 -3.65
CA ASP A 220 -29.70 0.25 -4.59
C ASP A 220 -29.60 -1.24 -4.89
N TYR A 221 -28.49 -1.66 -5.51
CA TYR A 221 -28.29 -3.07 -5.83
C TYR A 221 -26.80 -3.37 -5.77
N THR A 222 -26.48 -4.65 -5.61
CA THR A 222 -25.10 -5.12 -5.50
C THR A 222 -24.85 -6.18 -6.56
N THR A 223 -23.83 -5.95 -7.38
CA THR A 223 -23.34 -6.95 -8.32
C THR A 223 -22.14 -7.67 -7.71
N THR A 224 -21.97 -8.94 -8.07
CA THR A 224 -20.92 -9.74 -7.49
C THR A 224 -20.48 -10.82 -8.47
N ILE A 225 -19.31 -11.40 -8.20
CA ILE A 225 -18.81 -12.56 -8.92
C ILE A 225 -18.63 -13.69 -7.91
N GLU A 226 -19.14 -14.87 -8.26
CA GLU A 226 -19.12 -16.02 -7.37
C GLU A 226 -18.21 -17.10 -7.95
N ALA A 227 -17.14 -17.41 -7.22
CA ALA A 227 -16.27 -18.53 -7.57
C ALA A 227 -16.73 -19.79 -6.84
N PHE A 228 -16.37 -20.93 -7.41
CA PHE A 228 -16.78 -22.23 -6.89
C PHE A 228 -15.56 -23.08 -6.55
N ILE A 229 -15.64 -23.79 -5.43
CA ILE A 229 -14.56 -24.66 -4.95
C ILE A 229 -15.13 -26.08 -4.92
N SER A 230 -14.67 -26.93 -5.84
CA SER A 230 -15.20 -28.28 -5.94
C SER A 230 -14.75 -29.18 -4.81
N ALA A 231 -13.69 -28.82 -4.09
CA ALA A 231 -13.21 -29.66 -3.00
C ALA A 231 -14.21 -29.71 -1.84
N SER A 232 -14.93 -28.60 -1.60
CA SER A 232 -15.91 -28.54 -0.52
C SER A 232 -17.34 -28.39 -1.03
N GLY A 233 -17.54 -28.26 -2.34
CA GLY A 233 -18.87 -28.05 -2.86
C GLY A 233 -19.50 -26.73 -2.49
N ARG A 234 -18.69 -25.76 -2.09
CA ARG A 234 -19.17 -24.45 -1.65
C ARG A 234 -18.76 -23.38 -2.65
N ALA A 235 -19.53 -22.30 -2.67
CA ALA A 235 -19.23 -21.14 -3.49
C ALA A 235 -18.83 -19.97 -2.60
N ILE A 236 -18.09 -19.03 -3.17
CA ILE A 236 -17.57 -17.89 -2.42
C ILE A 236 -17.61 -16.65 -3.29
N GLN A 237 -17.90 -15.51 -2.66
CA GLN A 237 -17.94 -14.23 -3.35
C GLN A 237 -16.53 -13.66 -3.47
N GLY A 238 -16.13 -13.30 -4.68
CA GLY A 238 -14.78 -12.83 -4.91
C GLY A 238 -14.64 -11.32 -5.01
N GLY A 239 -15.74 -10.63 -5.24
CA GLY A 239 -15.71 -9.19 -5.36
C GLY A 239 -17.11 -8.63 -5.48
N THR A 240 -17.24 -7.35 -5.11
CA THR A 240 -18.51 -6.65 -5.12
C THR A 240 -18.38 -5.32 -5.81
N SER A 241 -19.49 -4.88 -6.42
CA SER A 241 -19.57 -3.57 -7.06
C SER A 241 -20.99 -3.06 -6.88
N HIS A 242 -21.17 -2.10 -5.99
CA HIS A 242 -22.49 -1.61 -5.63
C HIS A 242 -22.82 -0.31 -6.36
N HIS A 243 -24.11 -0.13 -6.64
CA HIS A 243 -24.64 1.15 -7.09
C HIS A 243 -25.42 1.74 -5.91
N LEU A 244 -24.89 2.82 -5.34
CA LEU A 244 -25.52 3.42 -4.17
C LEU A 244 -26.65 4.37 -4.54
N GLY A 245 -26.79 4.71 -5.81
CA GLY A 245 -27.82 5.67 -6.21
C GLY A 245 -27.57 7.02 -5.55
N GLN A 246 -28.65 7.60 -5.03
CA GLN A 246 -28.57 8.85 -4.29
C GLN A 246 -28.76 8.63 -2.79
N ASN A 247 -28.63 7.40 -2.32
CA ASN A 247 -28.88 7.10 -0.91
C ASN A 247 -27.84 7.79 -0.02
N PHE A 248 -26.56 7.54 -0.27
CA PHE A 248 -25.52 8.13 0.55
C PHE A 248 -25.33 9.62 0.27
N SER A 249 -25.60 10.06 -0.96
CA SER A 249 -25.46 11.48 -1.28
C SER A 249 -26.57 12.33 -0.68
N LYS A 250 -27.74 11.74 -0.40
CA LYS A 250 -28.80 12.48 0.26
C LYS A 250 -28.55 12.65 1.75
N MET A 251 -27.71 11.82 2.35
CA MET A 251 -27.41 11.91 3.78
C MET A 251 -26.14 12.67 4.09
N PHE A 252 -25.23 12.80 3.12
CA PHE A 252 -23.99 13.55 3.30
C PHE A 252 -23.99 14.87 2.54
N GLU A 253 -25.11 15.23 1.92
CA GLU A 253 -25.25 16.50 1.20
C GLU A 253 -24.20 16.62 0.09
N ILE A 254 -24.17 15.63 -0.79
CA ILE A 254 -23.26 15.62 -1.93
C ILE A 254 -24.09 16.05 -3.13
N VAL A 255 -24.18 17.36 -3.34
CA VAL A 255 -25.00 17.93 -4.40
C VAL A 255 -24.12 18.78 -5.32
N PHE A 256 -24.61 19.00 -6.53
CA PHE A 256 -23.93 19.85 -7.50
C PHE A 256 -24.97 20.69 -8.23
N GLU A 257 -24.50 21.78 -8.83
CA GLU A 257 -25.37 22.69 -9.57
C GLU A 257 -25.48 22.24 -11.02
N ASP A 258 -26.69 22.37 -11.56
CA ASP A 258 -26.91 22.01 -12.96
C ASP A 258 -26.14 22.96 -13.87
N PRO A 259 -25.53 22.44 -14.94
CA PRO A 259 -24.76 23.33 -15.83
C PRO A 259 -25.64 24.29 -16.62
N LYS A 260 -26.76 23.82 -17.16
CA LYS A 260 -27.60 24.66 -18.02
C LYS A 260 -28.68 25.39 -17.23
N ILE A 261 -29.39 24.68 -16.36
CA ILE A 261 -30.50 25.25 -15.60
C ILE A 261 -29.95 26.06 -14.44
N PRO A 262 -30.22 27.37 -14.38
CA PRO A 262 -29.66 28.21 -13.32
C PRO A 262 -30.38 27.98 -11.99
N GLY A 263 -29.61 27.63 -10.95
CA GLY A 263 -30.11 27.49 -9.61
C GLY A 263 -30.50 26.09 -9.21
N GLU A 264 -30.68 25.19 -10.17
CA GLU A 264 -31.11 23.82 -9.86
C GLU A 264 -29.93 23.01 -9.33
N LYS A 265 -30.14 22.32 -8.21
CA LYS A 265 -29.11 21.50 -7.57
C LYS A 265 -29.59 20.06 -7.50
N GLN A 266 -28.84 19.15 -8.10
CA GLN A 266 -29.17 17.74 -8.15
C GLN A 266 -28.25 16.94 -7.25
N PHE A 267 -28.78 15.90 -6.63
CA PHE A 267 -27.97 15.00 -5.83
C PHE A 267 -27.06 14.15 -6.73
N ALA A 268 -26.00 13.63 -6.12
CA ALA A 268 -25.02 12.84 -6.86
C ALA A 268 -25.34 11.36 -6.80
N TYR A 269 -24.92 10.64 -7.83
CA TYR A 269 -25.09 9.19 -7.93
C TYR A 269 -23.73 8.54 -7.68
N GLN A 270 -23.66 7.68 -6.67
CA GLN A 270 -22.38 7.14 -6.21
C GLN A 270 -22.33 5.63 -6.37
N ASN A 271 -21.11 5.12 -6.53
CA ASN A 271 -20.84 3.68 -6.58
C ASN A 271 -19.68 3.35 -5.66
N SER A 272 -19.61 2.08 -5.28
CA SER A 272 -18.51 1.58 -4.46
C SER A 272 -18.23 0.14 -4.86
N TRP A 273 -16.94 -0.22 -4.87
CA TRP A 273 -16.53 -1.55 -5.31
C TRP A 273 -15.27 -1.94 -4.56
N GLY A 274 -15.15 -3.24 -4.28
CA GLY A 274 -14.03 -3.74 -3.50
C GLY A 274 -13.59 -5.11 -3.95
N LEU A 275 -12.35 -5.45 -3.60
CA LEU A 275 -11.77 -6.75 -3.89
C LEU A 275 -10.67 -7.01 -2.87
N THR A 276 -10.77 -8.14 -2.17
CA THR A 276 -9.90 -8.42 -1.03
C THR A 276 -8.82 -9.44 -1.41
N THR A 277 -8.14 -9.96 -0.39
CA THR A 277 -7.06 -10.91 -0.58
C THR A 277 -7.53 -12.37 -0.62
N ARG A 278 -8.83 -12.62 -0.55
CA ARG A 278 -9.32 -13.98 -0.76
C ARG A 278 -9.14 -14.43 -2.19
N THR A 279 -8.80 -13.52 -3.11
CA THR A 279 -8.41 -13.92 -4.45
C THR A 279 -7.27 -14.93 -4.42
N ILE A 280 -6.32 -14.73 -3.51
CA ILE A 280 -5.24 -15.70 -3.33
C ILE A 280 -5.77 -16.98 -2.70
N GLY A 281 -6.76 -16.87 -1.81
CA GLY A 281 -7.32 -18.05 -1.17
C GLY A 281 -8.09 -18.93 -2.13
N VAL A 282 -8.88 -18.33 -3.01
CA VAL A 282 -9.61 -19.12 -4.00
C VAL A 282 -8.64 -19.78 -4.97
N MET A 283 -7.55 -19.09 -5.30
CA MET A 283 -6.52 -19.69 -6.15
C MET A 283 -5.95 -20.95 -5.52
N THR A 284 -5.69 -20.91 -4.20
CA THR A 284 -5.18 -22.09 -3.51
C THR A 284 -6.21 -23.21 -3.50
N MET A 285 -7.48 -22.88 -3.26
CA MET A 285 -8.51 -23.91 -3.17
C MET A 285 -8.82 -24.54 -4.52
N VAL A 286 -8.76 -23.76 -5.60
CA VAL A 286 -9.19 -24.27 -6.91
C VAL A 286 -8.08 -25.11 -7.55
N HIS A 287 -6.85 -24.61 -7.54
CA HIS A 287 -5.76 -25.25 -8.27
C HIS A 287 -4.87 -26.13 -7.41
N GLY A 288 -4.95 -26.02 -6.08
CA GLY A 288 -4.08 -26.80 -5.23
C GLY A 288 -4.38 -28.29 -5.31
N ASP A 289 -3.33 -29.09 -5.11
CA ASP A 289 -3.43 -30.54 -5.12
C ASP A 289 -2.67 -31.10 -3.91
N ASN A 290 -2.61 -32.42 -3.84
CA ASN A 290 -1.96 -33.09 -2.72
C ASN A 290 -0.44 -32.94 -2.73
N MET A 291 0.13 -32.33 -3.77
CA MET A 291 1.56 -32.07 -3.82
C MET A 291 1.93 -30.68 -3.34
N GLY A 292 0.95 -29.81 -3.11
CA GLY A 292 1.19 -28.50 -2.58
C GLY A 292 0.47 -27.46 -3.39
N LEU A 293 1.01 -26.25 -3.37
CA LEU A 293 0.42 -25.13 -4.09
C LEU A 293 0.65 -25.28 -5.59
N VAL A 294 -0.18 -24.59 -6.37
CA VAL A 294 -0.08 -24.54 -7.82
C VAL A 294 -0.33 -23.11 -8.25
N LEU A 295 0.72 -22.41 -8.67
CA LEU A 295 0.57 -21.00 -9.04
C LEU A 295 0.34 -20.89 -10.54
N PRO A 296 -0.65 -20.12 -10.98
CA PRO A 296 -0.77 -19.79 -12.40
C PRO A 296 0.42 -18.95 -12.85
N PRO A 297 0.97 -19.24 -14.03
CA PRO A 297 2.16 -18.49 -14.49
C PRO A 297 1.95 -16.99 -14.59
N ARG A 298 0.69 -16.52 -14.64
CA ARG A 298 0.44 -15.09 -14.77
C ARG A 298 0.72 -14.35 -13.47
N VAL A 299 0.51 -14.99 -12.32
CA VAL A 299 0.68 -14.35 -11.02
C VAL A 299 1.80 -14.99 -10.20
N ALA A 300 2.46 -16.02 -10.72
CA ALA A 300 3.50 -16.70 -9.96
C ALA A 300 4.69 -15.78 -9.72
N CYS A 301 5.15 -15.72 -8.47
CA CYS A 301 6.33 -14.93 -8.15
C CYS A 301 7.55 -15.43 -8.90
N VAL A 302 7.70 -16.75 -9.02
CA VAL A 302 8.76 -17.36 -9.82
C VAL A 302 8.10 -18.35 -10.76
N GLN A 303 8.24 -18.11 -12.07
CA GLN A 303 7.60 -18.97 -13.06
C GLN A 303 8.42 -20.23 -13.32
N VAL A 304 9.73 -20.09 -13.49
CA VAL A 304 10.62 -21.20 -13.78
C VAL A 304 11.71 -21.24 -12.72
N VAL A 305 11.95 -22.41 -12.16
CA VAL A 305 13.04 -22.63 -11.21
C VAL A 305 14.07 -23.55 -11.87
N ILE A 306 15.34 -23.15 -11.81
CA ILE A 306 16.43 -23.91 -12.42
C ILE A 306 17.12 -24.70 -11.32
N ILE A 307 17.21 -26.02 -11.51
CA ILE A 307 17.77 -26.92 -10.52
C ILE A 307 18.82 -27.80 -11.19
N PRO A 308 20.08 -27.75 -10.78
CA PRO A 308 21.07 -28.67 -11.35
C PRO A 308 20.89 -30.08 -10.81
N CYS A 309 21.02 -31.06 -11.70
CA CYS A 309 20.80 -32.46 -11.38
C CYS A 309 22.05 -33.27 -11.63
N GLY A 310 22.08 -34.48 -11.07
CA GLY A 310 23.18 -35.41 -11.28
C GLY A 310 24.52 -34.88 -10.78
N ILE A 311 24.54 -34.35 -9.56
CA ILE A 311 25.76 -33.81 -8.97
C ILE A 311 26.38 -34.90 -8.10
N THR A 312 27.64 -35.25 -8.40
CA THR A 312 28.35 -36.27 -7.64
C THR A 312 29.76 -35.80 -7.30
N GLU A 318 35.78 -33.01 -12.03
CA GLU A 318 35.17 -31.83 -11.43
C GLU A 318 34.62 -30.89 -12.50
N ASP A 319 33.84 -31.44 -13.42
CA ASP A 319 33.20 -30.68 -14.49
C ASP A 319 31.92 -29.99 -14.04
N LYS A 320 31.74 -29.78 -12.73
CA LYS A 320 30.54 -29.16 -12.21
C LYS A 320 30.51 -27.66 -12.44
N GLU A 321 31.67 -27.02 -12.61
CA GLU A 321 31.71 -25.58 -12.82
C GLU A 321 31.01 -25.19 -14.11
N ALA A 322 31.00 -26.09 -15.11
CA ALA A 322 30.29 -25.81 -16.36
C ALA A 322 28.79 -25.96 -16.18
N LEU A 323 28.35 -26.92 -15.35
CA LEU A 323 26.93 -27.09 -15.10
C LEU A 323 26.34 -25.88 -14.39
N ILE A 324 27.08 -25.31 -13.45
CA ILE A 324 26.61 -24.10 -12.78
C ILE A 324 26.57 -22.94 -13.75
N ALA A 325 27.60 -22.80 -14.60
CA ALA A 325 27.60 -21.75 -15.60
C ALA A 325 26.50 -21.94 -16.63
N LYS A 326 26.10 -23.19 -16.90
CA LYS A 326 24.99 -23.44 -17.80
C LYS A 326 23.66 -23.13 -17.15
N CYS A 327 23.55 -23.31 -15.83
CA CYS A 327 22.35 -22.87 -15.12
C CYS A 327 22.27 -21.34 -15.11
N ASN A 328 23.41 -20.66 -14.95
CA ASN A 328 23.43 -19.22 -15.09
C ASN A 328 23.17 -18.78 -16.53
N ASP A 329 23.43 -19.66 -17.50
CA ASP A 329 23.07 -19.36 -18.89
C ASP A 329 21.56 -19.24 -19.04
N TYR A 330 20.82 -20.26 -18.57
CA TYR A 330 19.37 -20.23 -18.67
C TYR A 330 18.77 -19.14 -17.79
N ARG A 331 19.43 -18.80 -16.69
CA ARG A 331 18.90 -17.77 -15.79
C ARG A 331 18.89 -16.41 -16.47
N ARG A 332 20.02 -16.02 -17.07
CA ARG A 332 20.08 -14.72 -17.74
C ARG A 332 19.28 -14.70 -19.03
N ARG A 333 19.20 -15.83 -19.73
CA ARG A 333 18.42 -15.90 -20.96
C ARG A 333 16.94 -15.70 -20.70
N LEU A 334 16.43 -16.19 -19.57
CA LEU A 334 15.03 -16.03 -19.24
C LEU A 334 14.73 -14.64 -18.66
N LEU A 335 15.73 -13.95 -18.13
CA LEU A 335 15.52 -12.59 -17.63
C LEU A 335 15.41 -11.58 -18.75
N SER A 336 16.11 -11.80 -19.86
CA SER A 336 16.06 -10.85 -20.97
C SER A 336 14.71 -10.91 -21.69
N VAL A 337 14.05 -12.06 -21.67
CA VAL A 337 12.72 -12.19 -22.27
C VAL A 337 11.67 -11.92 -21.20
N ASN A 338 12.10 -11.39 -20.05
CA ASN A 338 11.23 -10.96 -18.97
C ASN A 338 10.38 -12.12 -18.45
N ILE A 339 11.05 -13.17 -18.01
CA ILE A 339 10.43 -14.33 -17.39
C ILE A 339 10.97 -14.47 -15.98
N ARG A 340 10.08 -14.49 -14.99
CA ARG A 340 10.48 -14.58 -13.60
C ARG A 340 11.12 -15.93 -13.33
N VAL A 341 12.42 -15.92 -13.01
CA VAL A 341 13.20 -17.14 -12.86
C VAL A 341 14.01 -17.08 -11.57
N ARG A 342 14.20 -18.24 -10.95
CA ARG A 342 15.02 -18.39 -9.76
C ARG A 342 15.94 -19.59 -9.93
N ALA A 343 17.20 -19.43 -9.56
CA ALA A 343 18.21 -20.48 -9.68
C ALA A 343 18.55 -21.00 -8.29
N ASP A 344 18.05 -22.19 -7.96
CA ASP A 344 18.36 -22.82 -6.67
C ASP A 344 19.65 -23.61 -6.84
N LEU A 345 20.75 -23.03 -6.39
CA LEU A 345 22.09 -23.61 -6.54
C LEU A 345 22.73 -23.92 -5.19
N ARG A 346 21.91 -24.29 -4.21
CA ARG A 346 22.41 -24.58 -2.88
C ARG A 346 23.06 -25.96 -2.84
N ASP A 347 24.22 -26.03 -2.18
CA ASP A 347 24.92 -27.29 -1.98
C ASP A 347 24.49 -27.99 -0.69
N ASN A 348 23.63 -27.36 0.10
CA ASN A 348 23.19 -27.95 1.37
C ASN A 348 22.10 -28.99 1.16
N TYR A 349 21.35 -28.92 0.07
CA TYR A 349 20.23 -29.81 -0.18
C TYR A 349 20.45 -30.61 -1.46
N SER A 350 19.83 -31.79 -1.51
CA SER A 350 19.90 -32.63 -2.69
C SER A 350 18.92 -32.16 -3.75
N PRO A 351 19.16 -32.51 -5.02
CA PRO A 351 18.18 -32.15 -6.07
C PRO A 351 16.80 -32.69 -5.81
N GLY A 352 16.68 -33.84 -5.15
CA GLY A 352 15.36 -34.36 -4.80
C GLY A 352 14.66 -33.51 -3.76
N TRP A 353 15.42 -32.90 -2.86
CA TRP A 353 14.81 -32.01 -1.87
C TRP A 353 14.30 -30.74 -2.54
N LYS A 354 15.06 -30.18 -3.48
CA LYS A 354 14.62 -28.98 -4.17
C LYS A 354 13.37 -29.24 -4.99
N PHE A 355 13.23 -30.45 -5.54
CA PHE A 355 12.02 -30.79 -6.28
C PHE A 355 10.79 -30.70 -5.37
N ASN A 356 10.88 -31.29 -4.18
CA ASN A 356 9.78 -31.21 -3.24
C ASN A 356 9.57 -29.79 -2.73
N HIS A 357 10.67 -29.05 -2.55
CA HIS A 357 10.57 -27.70 -1.98
C HIS A 357 9.83 -26.75 -2.91
N TRP A 358 10.19 -26.75 -4.20
CA TRP A 358 9.58 -25.82 -5.14
C TRP A 358 8.22 -26.30 -5.64
N GLU A 359 7.93 -27.61 -5.55
CA GLU A 359 6.60 -28.08 -5.89
C GLU A 359 5.57 -27.67 -4.84
N LEU A 360 5.98 -27.61 -3.57
CA LEU A 360 5.07 -27.14 -2.53
C LEU A 360 4.73 -25.67 -2.71
N LYS A 361 5.64 -24.88 -3.30
CA LYS A 361 5.44 -23.46 -3.48
C LYS A 361 4.73 -23.11 -4.78
N GLY A 362 4.50 -24.09 -5.66
CA GLY A 362 3.69 -23.87 -6.83
C GLY A 362 4.39 -23.27 -8.02
N VAL A 363 5.70 -23.42 -8.12
CA VAL A 363 6.45 -22.90 -9.28
C VAL A 363 5.97 -23.66 -10.52
N PRO A 364 5.44 -22.96 -11.54
CA PRO A 364 4.80 -23.67 -12.66
C PRO A 364 5.73 -24.58 -13.44
N ILE A 365 6.97 -24.15 -13.69
CA ILE A 365 7.90 -24.91 -14.53
C ILE A 365 9.18 -25.17 -13.74
N ARG A 366 9.66 -26.41 -13.81
CA ARG A 366 10.92 -26.82 -13.20
C ARG A 366 11.92 -27.11 -14.30
N LEU A 367 13.04 -26.40 -14.30
CA LEU A 367 14.06 -26.52 -15.35
C LEU A 367 15.20 -27.37 -14.81
N GLU A 368 15.21 -28.64 -15.20
CA GLU A 368 16.23 -29.58 -14.75
C GLU A 368 17.38 -29.61 -15.75
N VAL A 369 18.60 -29.41 -15.26
CA VAL A 369 19.80 -29.44 -16.08
C VAL A 369 20.71 -30.52 -15.53
N GLY A 370 20.95 -31.56 -16.33
CA GLY A 370 21.85 -32.63 -15.94
C GLY A 370 23.20 -32.49 -16.62
N PRO A 371 24.17 -33.30 -16.17
CA PRO A 371 25.49 -33.25 -16.82
C PRO A 371 25.46 -33.66 -18.29
N ARG A 372 24.81 -34.78 -18.60
CA ARG A 372 24.70 -35.21 -19.99
C ARG A 372 23.79 -34.29 -20.80
N ASP A 373 22.80 -33.69 -20.15
CA ASP A 373 21.90 -32.76 -20.85
C ASP A 373 22.65 -31.50 -21.27
N MET A 374 23.55 -31.01 -20.42
CA MET A 374 24.32 -29.82 -20.74
C MET A 374 25.21 -30.04 -21.96
N LYS A 375 25.93 -31.16 -21.99
CA LYS A 375 26.79 -31.48 -23.12
C LYS A 375 26.01 -31.91 -24.35
N SER A 376 24.70 -32.09 -24.23
CA SER A 376 23.84 -32.44 -25.36
C SER A 376 23.01 -31.27 -25.86
N CYS A 377 23.18 -30.09 -25.27
CA CYS A 377 22.43 -28.88 -25.64
C CYS A 377 20.92 -29.11 -25.50
N GLN A 378 20.52 -29.63 -24.35
CA GLN A 378 19.11 -29.87 -24.06
C GLN A 378 18.89 -29.79 -22.56
N PHE A 379 17.64 -29.60 -22.17
CA PHE A 379 17.24 -29.58 -20.78
C PHE A 379 15.85 -30.19 -20.64
N VAL A 380 15.39 -30.31 -19.40
CA VAL A 380 14.10 -30.91 -19.10
C VAL A 380 13.25 -29.87 -18.38
N ALA A 381 12.05 -29.62 -18.90
CA ALA A 381 11.07 -28.73 -18.30
C ALA A 381 9.92 -29.56 -17.75
N VAL A 382 9.70 -29.47 -16.45
CA VAL A 382 8.66 -30.24 -15.76
C VAL A 382 7.51 -29.31 -15.43
N ARG A 383 6.30 -29.73 -15.82
CA ARG A 383 5.09 -28.95 -15.56
C ARG A 383 4.56 -29.26 -14.16
N ARG A 384 4.29 -28.21 -13.39
CA ARG A 384 3.81 -28.39 -12.03
C ARG A 384 2.39 -28.96 -12.00
N ASP A 385 1.57 -28.61 -13.00
CA ASP A 385 0.16 -29.00 -12.96
C ASP A 385 -0.03 -30.48 -13.31
N THR A 386 0.69 -30.97 -14.32
CA THR A 386 0.49 -32.33 -14.81
C THR A 386 1.69 -33.25 -14.57
N GLY A 387 2.84 -32.72 -14.22
CA GLY A 387 4.01 -33.54 -13.99
C GLY A 387 4.68 -34.09 -15.23
N GLU A 388 4.35 -33.56 -16.40
CA GLU A 388 4.95 -34.04 -17.64
C GLU A 388 6.36 -33.49 -17.80
N LYS A 389 7.26 -34.33 -18.27
CA LYS A 389 8.66 -33.95 -18.51
C LYS A 389 8.87 -33.79 -20.01
N LEU A 390 9.17 -32.56 -20.43
CA LEU A 390 9.38 -32.24 -21.84
C LEU A 390 10.84 -31.85 -22.04
N THR A 391 11.56 -32.62 -22.86
CA THR A 391 12.95 -32.31 -23.18
C THR A 391 12.99 -31.27 -24.29
N VAL A 392 13.69 -30.16 -24.05
CA VAL A 392 13.74 -29.03 -24.96
C VAL A 392 15.19 -28.76 -25.34
N ALA A 393 15.42 -28.46 -26.61
CA ALA A 393 16.76 -28.09 -27.06
C ALA A 393 17.16 -26.74 -26.48
N GLU A 394 18.48 -26.50 -26.46
CA GLU A 394 19.00 -25.27 -25.86
C GLU A 394 18.57 -24.03 -26.63
N ASN A 395 18.44 -24.13 -27.96
CA ASN A 395 18.09 -22.96 -28.75
C ASN A 395 16.63 -22.54 -28.54
N GLU A 396 15.76 -23.48 -28.20
CA GLU A 396 14.34 -23.21 -28.05
C GLU A 396 13.95 -22.86 -26.62
N ALA A 397 14.90 -22.41 -25.80
CA ALA A 397 14.63 -22.19 -24.39
C ALA A 397 13.60 -21.08 -24.17
N GLU A 398 13.87 -19.89 -24.72
CA GLU A 398 12.99 -18.76 -24.48
C GLU A 398 11.63 -18.94 -25.13
N THR A 399 11.56 -19.65 -26.26
CA THR A 399 10.31 -19.77 -27.01
C THR A 399 9.46 -20.93 -26.53
N LYS A 400 10.07 -22.07 -26.19
CA LYS A 400 9.29 -23.22 -25.72
C LYS A 400 8.77 -22.99 -24.31
N LEU A 401 9.59 -22.44 -23.42
CA LEU A 401 9.14 -22.16 -22.07
C LEU A 401 8.02 -21.12 -22.06
N GLN A 402 8.10 -20.13 -22.95
CA GLN A 402 7.02 -19.16 -23.08
C GLN A 402 5.73 -19.82 -23.56
N ALA A 403 5.85 -20.90 -24.33
CA ALA A 403 4.66 -21.61 -24.81
C ALA A 403 4.07 -22.51 -23.74
N ILE A 404 4.93 -23.16 -22.93
CA ILE A 404 4.43 -24.02 -21.87
C ILE A 404 3.80 -23.20 -20.75
N LEU A 405 4.38 -22.04 -20.45
CA LEU A 405 3.81 -21.17 -19.42
C LEU A 405 2.42 -20.69 -19.81
N GLU A 406 2.24 -20.29 -21.08
CA GLU A 406 0.91 -19.94 -21.55
C GLU A 406 -0.01 -21.15 -21.55
N ASP A 407 0.53 -22.34 -21.82
CA ASP A 407 -0.30 -23.54 -21.85
C ASP A 407 -0.72 -23.96 -20.45
N ILE A 408 0.13 -23.74 -19.45
CA ILE A 408 -0.24 -24.06 -18.07
C ILE A 408 -1.34 -23.14 -17.59
N GLN A 409 -1.27 -21.85 -17.95
CA GLN A 409 -2.30 -20.90 -17.53
C GLN A 409 -3.67 -21.31 -18.07
N VAL A 410 -3.73 -21.74 -19.33
CA VAL A 410 -5.02 -22.13 -19.92
C VAL A 410 -5.47 -23.47 -19.36
N THR A 411 -4.53 -24.40 -19.16
CA THR A 411 -4.89 -25.72 -18.66
C THR A 411 -5.52 -25.63 -17.27
N LEU A 412 -4.96 -24.77 -16.41
CA LEU A 412 -5.54 -24.58 -15.08
C LEU A 412 -6.94 -23.99 -15.17
N PHE A 413 -7.20 -23.15 -16.17
CA PHE A 413 -8.51 -22.53 -16.32
C PHE A 413 -9.52 -23.50 -16.93
N THR A 414 -9.10 -24.26 -17.95
CA THR A 414 -10.02 -25.20 -18.59
C THR A 414 -10.44 -26.29 -17.62
N ARG A 415 -9.50 -26.84 -16.85
CA ARG A 415 -9.86 -27.84 -15.85
C ARG A 415 -10.73 -27.24 -14.76
N ALA A 416 -10.49 -25.97 -14.40
CA ALA A 416 -11.36 -25.30 -13.44
C ALA A 416 -12.72 -24.99 -14.05
N SER A 417 -12.77 -24.69 -15.35
CA SER A 417 -14.05 -24.46 -16.00
C SER A 417 -14.84 -25.74 -16.14
N GLU A 418 -14.16 -26.89 -16.31
CA GLU A 418 -14.87 -28.15 -16.42
C GLU A 418 -15.51 -28.54 -15.10
N ASP A 419 -14.86 -28.21 -13.97
CA ASP A 419 -15.46 -28.51 -12.68
C ASP A 419 -16.60 -27.55 -12.35
N LEU A 420 -16.57 -26.34 -12.92
CA LEU A 420 -17.68 -25.40 -12.70
C LEU A 420 -18.83 -25.68 -13.65
N LYS A 421 -18.55 -26.08 -14.88
CA LYS A 421 -19.61 -26.38 -15.84
C LYS A 421 -20.40 -27.61 -15.43
N THR A 422 -19.78 -28.55 -14.73
CA THR A 422 -20.44 -29.79 -14.34
C THR A 422 -21.01 -29.78 -12.93
N HIS A 423 -20.59 -28.84 -12.08
CA HIS A 423 -21.12 -28.74 -10.73
C HIS A 423 -22.21 -27.68 -10.60
N MET A 424 -22.56 -27.00 -11.69
CA MET A 424 -23.65 -26.04 -11.69
C MET A 424 -24.78 -26.61 -12.54
N VAL A 425 -25.97 -26.72 -11.94
CA VAL A 425 -27.11 -27.39 -12.54
C VAL A 425 -28.36 -26.54 -12.33
N VAL A 426 -29.50 -27.08 -12.77
CA VAL A 426 -30.79 -26.42 -12.65
C VAL A 426 -31.74 -27.36 -11.92
N ALA A 427 -32.58 -26.79 -11.05
CA ALA A 427 -33.61 -27.56 -10.36
C ALA A 427 -34.83 -26.69 -10.19
N ASN A 428 -36.01 -27.25 -10.47
CA ASN A 428 -37.26 -26.51 -10.41
C ASN A 428 -38.12 -26.85 -9.21
N THR A 429 -37.86 -27.97 -8.54
CA THR A 429 -38.59 -28.37 -7.34
C THR A 429 -37.70 -28.17 -6.12
N MET A 430 -38.26 -28.44 -4.94
CA MET A 430 -37.51 -28.31 -3.70
C MET A 430 -36.74 -29.58 -3.35
N GLU A 431 -37.33 -30.75 -3.55
CA GLU A 431 -36.65 -31.98 -3.18
C GLU A 431 -35.49 -32.28 -4.13
N ASP A 432 -35.65 -31.97 -5.42
CA ASP A 432 -34.56 -32.16 -6.37
C ASP A 432 -33.48 -31.10 -6.17
N PHE A 433 -33.86 -29.89 -5.75
CA PHE A 433 -32.87 -28.90 -5.36
C PHE A 433 -32.17 -29.31 -4.08
N GLN A 434 -32.91 -29.92 -3.15
CA GLN A 434 -32.31 -30.43 -1.92
C GLN A 434 -31.38 -31.60 -2.22
N LYS A 435 -31.78 -32.50 -3.13
CA LYS A 435 -30.99 -33.70 -3.39
C LYS A 435 -29.66 -33.36 -4.06
N ILE A 436 -29.69 -32.58 -5.12
CA ILE A 436 -28.45 -32.21 -5.82
C ILE A 436 -27.56 -31.38 -4.93
N LEU A 437 -28.15 -30.58 -4.03
CA LEU A 437 -27.35 -29.73 -3.15
C LEU A 437 -26.48 -30.56 -2.22
N ASP A 438 -27.02 -31.66 -1.68
CA ASP A 438 -26.24 -32.52 -0.80
C ASP A 438 -25.17 -33.31 -1.55
N SER A 439 -25.18 -33.29 -2.88
CA SER A 439 -24.14 -33.94 -3.68
C SER A 439 -22.98 -33.01 -3.98
N GLY A 440 -22.84 -31.92 -3.22
CA GLY A 440 -21.73 -31.00 -3.41
C GLY A 440 -21.81 -30.16 -4.67
N LYS A 441 -22.98 -29.63 -4.98
CA LYS A 441 -23.17 -28.81 -6.16
C LYS A 441 -23.91 -27.53 -5.79
N ILE A 442 -23.75 -26.51 -6.64
CA ILE A 442 -24.51 -25.28 -6.56
C ILE A 442 -25.61 -25.32 -7.61
N VAL A 443 -26.78 -24.81 -7.26
CA VAL A 443 -27.98 -24.97 -8.09
C VAL A 443 -28.60 -23.62 -8.39
N GLN A 444 -29.11 -23.47 -9.60
CA GLN A 444 -29.94 -22.32 -9.99
C GLN A 444 -31.39 -22.76 -9.96
N ILE A 445 -32.20 -22.07 -9.15
CA ILE A 445 -33.61 -22.45 -8.98
C ILE A 445 -34.51 -21.25 -9.26
N PRO A 446 -35.74 -21.47 -9.72
CA PRO A 446 -36.69 -20.35 -9.85
C PRO A 446 -37.05 -19.82 -8.48
N PHE A 447 -36.72 -18.55 -8.24
CA PHE A 447 -36.83 -17.94 -6.92
C PHE A 447 -37.71 -16.70 -6.99
N CYS A 448 -38.59 -16.55 -5.99
CA CYS A 448 -39.48 -15.41 -5.95
C CYS A 448 -38.75 -14.13 -5.58
N GLY A 449 -37.71 -14.23 -4.75
CA GLY A 449 -36.92 -13.07 -4.37
C GLY A 449 -37.38 -12.38 -3.10
N GLU A 450 -38.00 -13.10 -2.18
CA GLU A 450 -38.47 -12.52 -0.93
C GLU A 450 -37.56 -12.93 0.22
N ILE A 451 -37.44 -12.05 1.20
CA ILE A 451 -36.59 -12.34 2.37
C ILE A 451 -37.20 -13.46 3.20
N ASP A 452 -38.50 -13.37 3.51
CA ASP A 452 -39.16 -14.41 4.29
C ASP A 452 -39.12 -15.76 3.60
N CYS A 453 -39.02 -15.76 2.27
CA CYS A 453 -38.89 -17.02 1.54
C CYS A 453 -37.46 -17.54 1.55
N GLU A 454 -36.48 -16.65 1.55
CA GLU A 454 -35.08 -17.08 1.55
C GLU A 454 -34.66 -17.63 2.91
N ASP A 455 -35.21 -17.08 4.00
CA ASP A 455 -34.90 -17.62 5.32
C ASP A 455 -35.43 -19.04 5.48
N TRP A 456 -36.59 -19.32 4.90
CA TRP A 456 -37.12 -20.68 4.93
C TRP A 456 -36.26 -21.64 4.12
N ILE A 457 -35.64 -21.15 3.04
CA ILE A 457 -34.76 -22.00 2.25
C ILE A 457 -33.57 -22.46 3.09
N LYS A 458 -32.93 -21.51 3.78
CA LYS A 458 -31.81 -21.87 4.66
C LYS A 458 -32.25 -22.72 5.84
N LYS A 459 -33.52 -22.67 6.21
CA LYS A 459 -34.01 -23.44 7.34
C LYS A 459 -34.30 -24.89 6.97
N THR A 460 -34.68 -25.15 5.72
CA THR A 460 -35.01 -26.50 5.28
C THR A 460 -33.85 -27.20 4.58
N THR A 461 -32.86 -26.45 4.08
CA THR A 461 -31.72 -27.08 3.42
C THR A 461 -30.80 -27.79 4.40
N ALA A 462 -30.82 -27.41 5.68
CA ALA A 462 -29.98 -28.04 6.69
C ALA A 462 -30.49 -29.46 7.00
N MET A 474 -24.75 -23.75 7.78
CA MET A 474 -24.97 -25.09 7.21
C MET A 474 -26.05 -25.05 6.14
N GLY A 475 -27.10 -24.28 6.39
CA GLY A 475 -28.16 -24.15 5.41
C GLY A 475 -27.72 -23.34 4.21
N ALA A 476 -28.34 -23.63 3.07
CA ALA A 476 -27.98 -22.96 1.82
C ALA A 476 -28.49 -21.52 1.81
N LYS A 477 -27.62 -20.62 1.37
CA LYS A 477 -27.96 -19.21 1.22
C LYS A 477 -27.87 -18.83 -0.25
N SER A 478 -28.41 -17.65 -0.58
CA SER A 478 -28.35 -17.17 -1.95
C SER A 478 -26.95 -16.72 -2.30
N LEU A 479 -26.57 -16.94 -3.56
CA LEU A 479 -25.26 -16.55 -4.07
C LEU A 479 -25.38 -15.31 -4.96
N CYS A 480 -26.04 -15.44 -6.10
CA CYS A 480 -26.24 -14.30 -7.00
C CYS A 480 -27.32 -14.64 -7.99
N ILE A 481 -27.99 -13.60 -8.48
CA ILE A 481 -28.94 -13.74 -9.58
C ILE A 481 -28.16 -13.55 -10.88
N PRO A 482 -27.84 -14.63 -11.59
CA PRO A 482 -26.89 -14.52 -12.71
C PRO A 482 -27.44 -13.66 -13.84
N PHE A 483 -26.55 -12.91 -14.49
CA PHE A 483 -26.95 -12.11 -15.64
C PHE A 483 -27.41 -13.00 -16.79
N LYS A 484 -26.63 -14.02 -17.11
CA LYS A 484 -26.96 -14.99 -18.16
C LYS A 484 -27.20 -16.35 -17.52
N PRO A 485 -28.43 -16.67 -17.12
CA PRO A 485 -28.68 -17.97 -16.49
C PRO A 485 -28.57 -19.10 -17.49
N LEU A 486 -28.55 -20.33 -16.96
CA LEU A 486 -28.41 -21.50 -17.82
C LEU A 486 -29.67 -21.75 -18.64
N CYS A 487 -30.84 -21.48 -18.06
CA CYS A 487 -32.11 -21.71 -18.75
C CYS A 487 -33.01 -20.49 -18.56
N GLU A 488 -33.81 -20.22 -19.58
CA GLU A 488 -34.77 -19.12 -19.53
C GLU A 488 -35.95 -19.50 -18.65
N LEU A 489 -36.37 -18.56 -17.80
CA LEU A 489 -37.47 -18.82 -16.88
C LEU A 489 -38.78 -18.86 -17.63
N GLN A 490 -39.56 -19.93 -17.39
CA GLN A 490 -40.86 -20.06 -18.04
C GLN A 490 -41.82 -19.04 -17.44
N PRO A 491 -42.55 -18.27 -18.26
CA PRO A 491 -43.50 -17.30 -17.71
C PRO A 491 -44.64 -18.01 -16.99
N GLY A 492 -44.97 -17.52 -15.80
CA GLY A 492 -45.98 -18.13 -14.97
C GLY A 492 -45.48 -19.21 -14.03
N ALA A 493 -44.21 -19.60 -14.14
CA ALA A 493 -43.67 -20.62 -13.27
C ALA A 493 -43.53 -20.10 -11.84
N LYS A 494 -43.92 -20.91 -10.88
CA LYS A 494 -43.89 -20.51 -9.48
C LYS A 494 -42.49 -20.72 -8.89
N CYS A 495 -42.28 -20.14 -7.71
CA CYS A 495 -41.02 -20.29 -6.99
C CYS A 495 -40.95 -21.66 -6.33
N VAL A 496 -39.81 -21.93 -5.68
CA VAL A 496 -39.64 -23.21 -4.99
C VAL A 496 -40.53 -23.29 -3.75
N CYS A 497 -40.97 -22.15 -3.22
CA CYS A 497 -41.87 -22.15 -2.07
C CYS A 497 -43.29 -22.52 -2.44
N GLY A 498 -43.66 -22.43 -3.72
CA GLY A 498 -44.98 -22.77 -4.18
C GLY A 498 -46.05 -21.75 -3.91
N LYS A 499 -45.76 -20.68 -3.17
CA LYS A 499 -46.74 -19.66 -2.83
C LYS A 499 -46.62 -18.40 -3.67
N ASN A 500 -45.40 -17.94 -3.94
CA ASN A 500 -45.24 -16.72 -4.73
C ASN A 500 -44.77 -17.06 -6.14
N PRO A 501 -45.11 -16.23 -7.12
CA PRO A 501 -44.60 -16.45 -8.48
C PRO A 501 -43.12 -16.14 -8.56
N ALA A 502 -42.40 -16.97 -9.31
CA ALA A 502 -40.96 -16.81 -9.44
C ALA A 502 -40.63 -15.58 -10.28
N LYS A 503 -39.58 -14.86 -9.87
CA LYS A 503 -39.13 -13.69 -10.60
C LYS A 503 -37.94 -13.98 -11.52
N TYR A 504 -37.06 -14.88 -11.14
CA TYR A 504 -35.82 -15.13 -11.88
C TYR A 504 -35.21 -16.42 -11.37
N TYR A 505 -34.15 -16.86 -12.07
CA TYR A 505 -33.31 -17.95 -11.60
C TYR A 505 -32.23 -17.39 -10.69
N THR A 506 -32.10 -17.97 -9.50
CA THR A 506 -31.13 -17.53 -8.51
C THR A 506 -30.19 -18.67 -8.18
N LEU A 507 -28.88 -18.40 -8.29
CA LEU A 507 -27.88 -19.40 -7.95
C LEU A 507 -27.83 -19.57 -6.44
N PHE A 508 -28.05 -20.80 -5.97
CA PHE A 508 -28.06 -21.11 -4.55
C PHE A 508 -26.96 -22.11 -4.22
N GLY A 509 -26.60 -22.15 -2.96
CA GLY A 509 -25.56 -23.05 -2.50
C GLY A 509 -25.05 -22.63 -1.13
N ARG A 510 -24.11 -23.42 -0.62
CA ARG A 510 -23.50 -23.16 0.67
C ARG A 510 -22.25 -22.32 0.49
N SER A 511 -22.08 -21.34 1.37
CA SER A 511 -20.99 -20.38 1.25
C SER A 511 -19.73 -20.88 1.94
N TYR A 512 -18.61 -20.21 1.66
CA TYR A 512 -17.33 -20.55 2.26
C TYR A 512 -16.71 -19.30 2.89
N GLY B 15 -6.59 31.56 -4.98
CA GLY B 15 -5.39 32.29 -4.61
C GLY B 15 -4.71 31.73 -3.38
N LEU B 16 -4.40 32.62 -2.44
CA LEU B 16 -3.77 32.21 -1.18
C LEU B 16 -3.95 33.34 -0.19
N GLU B 17 -4.69 33.08 0.90
CA GLU B 17 -5.09 34.12 1.85
C GLU B 17 -4.07 34.34 2.96
N ALA B 18 -2.94 33.64 2.95
CA ALA B 18 -1.93 33.78 3.99
C ALA B 18 -0.56 33.90 3.35
N LYS B 19 0.38 34.44 4.13
CA LYS B 19 1.75 34.64 3.70
C LYS B 19 2.68 33.80 4.57
N LYS B 20 3.74 33.28 3.96
CA LYS B 20 4.64 32.36 4.67
C LYS B 20 5.40 33.07 5.79
N GLU B 21 5.71 34.36 5.61
CA GLU B 21 6.43 35.10 6.64
C GLU B 21 5.51 35.60 7.74
N GLU B 22 4.27 35.94 7.41
CA GLU B 22 3.32 36.44 8.39
C GLU B 22 2.92 35.34 9.37
N ASN B 23 2.02 34.46 8.94
CA ASN B 23 1.56 33.34 9.76
C ASN B 23 1.86 32.06 9.01
N LEU B 24 2.89 31.34 9.45
CA LEU B 24 3.26 30.08 8.80
C LEU B 24 2.21 29.01 9.03
N ALA B 25 1.54 29.03 10.18
CA ALA B 25 0.52 28.02 10.48
C ALA B 25 -0.65 28.13 9.51
N ASP B 26 -1.14 29.35 9.29
CA ASP B 26 -2.24 29.54 8.34
C ASP B 26 -1.76 29.31 6.91
N TRP B 27 -0.54 29.77 6.59
CA TRP B 27 0.01 29.53 5.27
C TRP B 27 0.12 28.03 4.97
N TYR B 28 0.50 27.24 5.98
CA TYR B 28 0.61 25.80 5.78
C TYR B 28 -0.76 25.18 5.53
N SER B 29 -1.80 25.65 6.23
CA SER B 29 -3.14 25.12 6.02
C SER B 29 -3.66 25.49 4.63
N GLN B 30 -3.35 26.70 4.16
CA GLN B 30 -3.82 27.12 2.85
C GLN B 30 -3.14 26.34 1.74
N VAL B 31 -1.83 26.09 1.87
CA VAL B 31 -1.07 25.48 0.78
C VAL B 31 -1.43 24.00 0.63
N ILE B 32 -1.51 23.27 1.75
CA ILE B 32 -1.76 21.84 1.67
C ILE B 32 -3.17 21.53 1.18
N THR B 33 -4.10 22.47 1.33
CA THR B 33 -5.48 22.26 0.90
C THR B 33 -5.77 22.82 -0.48
N LYS B 34 -5.30 24.03 -0.79
CA LYS B 34 -5.54 24.60 -2.10
C LYS B 34 -4.72 23.90 -3.19
N SER B 35 -3.63 23.23 -2.82
CA SER B 35 -2.95 22.33 -3.74
C SER B 35 -3.63 20.97 -3.85
N GLU B 36 -4.74 20.79 -3.11
CA GLU B 36 -5.51 19.54 -3.13
C GLU B 36 -4.66 18.34 -2.71
N MET B 37 -3.95 18.51 -1.60
CA MET B 37 -3.16 17.45 -1.00
C MET B 37 -3.78 16.91 0.28
N ILE B 38 -4.25 17.78 1.17
CA ILE B 38 -4.75 17.40 2.48
C ILE B 38 -6.20 17.84 2.61
N GLU B 39 -7.04 16.94 3.11
CA GLU B 39 -8.39 17.27 3.54
C GLU B 39 -8.55 16.89 5.00
N TYR B 40 -9.19 17.76 5.77
CA TYR B 40 -9.30 17.57 7.20
C TYR B 40 -10.38 16.54 7.53
N HIS B 41 -10.08 15.69 8.51
CA HIS B 41 -10.97 14.61 8.93
C HIS B 41 -11.74 15.03 10.18
N ASP B 42 -12.79 14.25 10.49
CA ASP B 42 -13.62 14.53 11.65
C ASP B 42 -12.82 14.49 12.94
N ILE B 43 -11.80 13.64 13.00
CA ILE B 43 -10.98 13.46 14.20
C ILE B 43 -9.70 14.25 14.06
N SER B 44 -9.37 15.02 15.08
CA SER B 44 -8.14 15.82 15.05
C SER B 44 -6.92 14.92 15.04
N GLY B 45 -5.88 15.34 14.32
CA GLY B 45 -4.68 14.55 14.15
C GLY B 45 -4.70 13.59 12.97
N CYS B 46 -5.89 13.25 12.47
CA CYS B 46 -6.04 12.41 11.30
C CYS B 46 -6.40 13.27 10.09
N TYR B 47 -5.78 12.96 8.95
CA TYR B 47 -5.95 13.78 7.76
C TYR B 47 -6.08 12.88 6.54
N ILE B 48 -6.56 13.45 5.44
CA ILE B 48 -6.82 12.74 4.21
C ILE B 48 -5.67 13.01 3.24
N LEU B 49 -5.15 11.96 2.62
CA LEU B 49 -4.10 12.07 1.63
C LEU B 49 -4.73 12.01 0.24
N ARG B 50 -4.93 13.18 -0.37
CA ARG B 50 -5.53 13.26 -1.69
C ARG B 50 -4.54 12.76 -2.75
N PRO B 51 -5.03 12.40 -3.93
CA PRO B 51 -4.14 11.81 -4.96
C PRO B 51 -2.92 12.66 -5.30
N TRP B 52 -3.02 13.99 -5.17
CA TRP B 52 -1.86 14.83 -5.49
C TRP B 52 -0.74 14.63 -4.47
N ALA B 53 -1.09 14.44 -3.20
CA ALA B 53 -0.09 14.12 -2.19
C ALA B 53 0.28 12.65 -2.21
N TYR B 54 -0.66 11.78 -2.58
CA TYR B 54 -0.36 10.35 -2.64
C TYR B 54 0.59 10.03 -3.79
N ALA B 55 0.54 10.81 -4.87
CA ALA B 55 1.48 10.60 -5.97
C ALA B 55 2.91 10.95 -5.55
N ILE B 56 3.07 11.91 -4.63
CA ILE B 56 4.40 12.22 -4.11
C ILE B 56 4.91 11.08 -3.25
N TRP B 57 4.03 10.45 -2.48
CA TRP B 57 4.43 9.31 -1.67
C TRP B 57 4.69 8.08 -2.53
N GLU B 58 3.91 7.90 -3.59
CA GLU B 58 4.17 6.80 -4.52
C GLU B 58 5.48 6.98 -5.25
N ALA B 59 5.87 8.23 -5.54
CA ALA B 59 7.15 8.48 -6.18
C ALA B 59 8.31 8.11 -5.26
N ILE B 60 8.16 8.39 -3.96
CA ILE B 60 9.15 7.95 -2.99
C ILE B 60 9.17 6.43 -2.88
N LYS B 61 8.00 5.80 -3.06
CA LYS B 61 7.92 4.36 -2.91
C LYS B 61 8.68 3.64 -4.02
N ASP B 62 8.44 4.02 -5.28
CA ASP B 62 9.11 3.35 -6.40
C ASP B 62 10.62 3.48 -6.33
N PHE B 63 11.12 4.56 -5.71
CA PHE B 63 12.56 4.73 -5.57
C PHE B 63 13.11 3.88 -4.44
N PHE B 64 12.54 4.03 -3.24
CA PHE B 64 13.08 3.33 -2.07
C PHE B 64 12.83 1.83 -2.15
N ASP B 65 11.75 1.41 -2.82
CA ASP B 65 11.48 -0.02 -2.95
C ASP B 65 12.51 -0.69 -3.85
N ALA B 66 12.85 -0.05 -4.97
CA ALA B 66 13.84 -0.63 -5.88
C ALA B 66 15.23 -0.67 -5.25
N GLU B 67 15.52 0.24 -4.32
CA GLU B 67 16.83 0.26 -3.69
C GLU B 67 16.97 -0.82 -2.63
N ILE B 68 15.92 -1.06 -1.84
CA ILE B 68 15.98 -2.14 -0.85
C ILE B 68 15.83 -3.50 -1.49
N LYS B 69 15.20 -3.59 -2.67
CA LYS B 69 15.16 -4.86 -3.38
C LYS B 69 16.54 -5.31 -3.80
N LYS B 70 17.43 -4.36 -4.13
CA LYS B 70 18.80 -4.69 -4.49
C LYS B 70 19.64 -5.11 -3.30
N LEU B 71 19.14 -4.94 -2.08
CA LEU B 71 19.86 -5.32 -0.86
C LEU B 71 19.36 -6.64 -0.28
N GLY B 72 18.43 -7.32 -0.94
CA GLY B 72 17.90 -8.57 -0.45
C GLY B 72 16.66 -8.47 0.41
N VAL B 73 16.04 -7.30 0.48
CA VAL B 73 14.86 -7.09 1.31
C VAL B 73 13.62 -7.44 0.50
N GLU B 74 12.71 -8.19 1.12
CA GLU B 74 11.46 -8.59 0.49
C GLU B 74 10.28 -7.95 1.21
N ASN B 75 9.25 -7.63 0.45
CA ASN B 75 8.07 -6.98 0.99
C ASN B 75 7.06 -8.01 1.49
N CYS B 76 6.31 -7.63 2.52
CA CYS B 76 5.31 -8.50 3.13
C CYS B 76 4.30 -7.61 3.86
N TYR B 77 3.48 -8.23 4.71
CA TYR B 77 2.53 -7.48 5.52
C TYR B 77 2.20 -8.27 6.77
N PHE B 78 2.29 -7.62 7.92
CA PHE B 78 2.04 -8.21 9.23
C PHE B 78 0.75 -7.67 9.83
N PRO B 79 0.14 -8.40 10.77
CA PRO B 79 -1.10 -7.91 11.39
C PRO B 79 -0.90 -6.60 12.12
N MET B 80 -1.97 -5.80 12.17
CA MET B 80 -1.93 -4.52 12.85
C MET B 80 -2.24 -4.62 14.34
N PHE B 81 -2.63 -5.79 14.82
CA PHE B 81 -2.94 -5.99 16.24
C PHE B 81 -1.80 -6.72 16.92
N VAL B 82 -1.44 -6.23 18.11
CA VAL B 82 -0.40 -6.84 18.93
C VAL B 82 -1.02 -7.28 20.24
N SER B 83 -0.57 -8.42 20.76
CA SER B 83 -1.11 -8.96 22.00
C SER B 83 -0.47 -8.27 23.20
N GLN B 84 -1.17 -8.34 24.34
CA GLN B 84 -0.64 -7.79 25.58
C GLN B 84 0.58 -8.56 26.07
N SER B 85 0.72 -9.83 25.69
CA SER B 85 1.89 -10.60 26.11
C SER B 85 3.11 -10.27 25.28
N ALA B 86 2.94 -10.09 23.97
CA ALA B 86 4.09 -9.83 23.11
C ALA B 86 4.64 -8.42 23.31
N LEU B 87 3.79 -7.46 23.66
CA LEU B 87 4.29 -6.10 23.90
C LEU B 87 5.07 -6.02 25.21
N GLU B 88 4.70 -6.83 26.20
CA GLU B 88 5.35 -6.81 27.50
C GLU B 88 6.60 -7.68 27.56
N LYS B 89 7.01 -8.28 26.43
CA LYS B 89 8.25 -9.04 26.39
C LYS B 89 9.44 -8.12 26.60
N GLU B 90 9.72 -7.28 25.62
CA GLU B 90 10.76 -6.26 25.74
C GLU B 90 10.20 -5.13 26.59
N LYS B 91 10.69 -5.02 27.84
CA LYS B 91 10.08 -4.09 28.79
C LYS B 91 10.46 -2.65 28.49
N THR B 92 11.70 -2.41 28.05
CA THR B 92 12.13 -1.05 27.79
C THR B 92 11.41 -0.45 26.59
N HIS B 93 10.97 -1.29 25.65
CA HIS B 93 10.31 -0.79 24.45
C HIS B 93 8.87 -0.41 24.70
N VAL B 94 8.15 -1.20 25.51
CA VAL B 94 6.73 -0.94 25.73
C VAL B 94 6.54 0.28 26.62
N ALA B 95 7.40 0.44 27.64
CA ALA B 95 7.23 1.54 28.59
C ALA B 95 7.39 2.90 27.92
N ASP B 96 8.17 2.96 26.83
CA ASP B 96 8.34 4.21 26.11
C ASP B 96 7.23 4.46 25.10
N PHE B 97 6.56 3.40 24.62
CA PHE B 97 5.47 3.54 23.67
C PHE B 97 4.10 3.43 24.32
N ALA B 98 4.02 2.98 25.57
CA ALA B 98 2.73 2.73 26.23
C ALA B 98 1.75 3.88 26.18
N PRO B 99 2.12 5.13 26.50
CA PRO B 99 1.11 6.20 26.55
C PRO B 99 0.54 6.60 25.19
N GLU B 100 1.02 6.02 24.09
CA GLU B 100 0.55 6.40 22.75
C GLU B 100 0.08 5.19 21.96
N VAL B 101 -0.37 4.14 22.64
CA VAL B 101 -0.82 2.92 22.01
C VAL B 101 -2.34 2.89 22.05
N ALA B 102 -2.97 2.94 20.87
CA ALA B 102 -4.42 2.84 20.79
C ALA B 102 -4.86 1.42 21.07
N TRP B 103 -5.91 1.29 21.89
CA TRP B 103 -6.39 -0.01 22.35
C TRP B 103 -7.78 -0.29 21.83
N VAL B 104 -7.98 -1.47 21.27
CA VAL B 104 -9.29 -1.94 20.82
C VAL B 104 -9.93 -2.66 22.00
N THR B 105 -10.99 -2.07 22.55
CA THR B 105 -11.63 -2.58 23.75
C THR B 105 -13.11 -2.89 23.58
N ARG B 106 -13.67 -2.75 22.38
CA ARG B 106 -15.10 -2.94 22.21
C ARG B 106 -15.40 -3.48 20.82
N SER B 107 -16.26 -4.50 20.76
CA SER B 107 -16.82 -5.01 19.52
C SER B 107 -18.31 -4.70 19.53
N GLY B 108 -18.72 -3.72 18.73
CA GLY B 108 -20.08 -3.23 18.78
C GLY B 108 -20.33 -2.42 20.03
N LYS B 109 -21.29 -2.87 20.85
CA LYS B 109 -21.56 -2.26 22.15
C LYS B 109 -21.18 -3.19 23.31
N THR B 110 -20.24 -4.10 23.06
CA THR B 110 -19.84 -5.10 24.04
C THR B 110 -18.35 -4.95 24.33
N GLU B 111 -17.99 -4.90 25.61
CA GLU B 111 -16.60 -4.84 26.02
C GLU B 111 -15.95 -6.21 25.86
N LEU B 112 -14.74 -6.22 25.32
CA LEU B 112 -14.02 -7.46 25.10
C LEU B 112 -13.38 -7.96 26.38
N ALA B 113 -13.18 -9.28 26.45
CA ALA B 113 -12.56 -9.90 27.62
C ALA B 113 -11.06 -9.68 27.67
N GLU B 114 -10.47 -9.09 26.63
CA GLU B 114 -9.04 -8.87 26.57
C GLU B 114 -8.74 -7.83 25.51
N PRO B 115 -8.44 -6.60 25.90
CA PRO B 115 -8.21 -5.54 24.89
C PRO B 115 -6.94 -5.80 24.10
N ILE B 116 -7.03 -5.62 22.79
CA ILE B 116 -5.89 -5.75 21.90
C ILE B 116 -5.48 -4.35 21.44
N ALA B 117 -4.20 -4.21 21.08
CA ALA B 117 -3.60 -2.92 20.82
C ALA B 117 -3.30 -2.74 19.33
N ILE B 118 -3.37 -1.49 18.88
CA ILE B 118 -2.99 -1.12 17.52
C ILE B 118 -1.51 -0.79 17.50
N ARG B 119 -0.82 -1.22 16.45
CA ARG B 119 0.64 -1.12 16.39
C ARG B 119 1.09 0.33 16.27
N PRO B 120 1.94 0.82 17.18
CA PRO B 120 2.72 2.03 16.89
C PRO B 120 4.05 1.72 16.22
N THR B 121 4.41 0.45 16.17
CA THR B 121 5.59 -0.09 15.49
C THR B 121 5.48 -1.61 15.55
N SER B 122 6.08 -2.27 14.57
CA SER B 122 5.89 -3.70 14.37
C SER B 122 7.06 -4.54 14.90
N GLU B 123 7.73 -4.08 15.96
CA GLU B 123 8.77 -4.90 16.57
C GLU B 123 8.18 -6.10 17.28
N THR B 124 7.20 -5.87 18.16
CA THR B 124 6.60 -6.94 18.94
C THR B 124 5.66 -7.82 18.13
N VAL B 125 5.42 -7.51 16.86
CA VAL B 125 4.54 -8.31 16.01
C VAL B 125 5.33 -9.24 15.11
N MET B 126 6.41 -8.74 14.52
CA MET B 126 7.19 -9.54 13.56
C MET B 126 8.17 -10.46 14.26
N TYR B 127 8.84 -9.97 15.30
CA TYR B 127 9.92 -10.74 15.92
C TYR B 127 9.46 -12.04 16.58
N PRO B 128 8.23 -12.18 17.09
CA PRO B 128 7.76 -13.53 17.44
C PRO B 128 7.81 -14.50 16.27
N ALA B 129 7.42 -14.06 15.07
CA ALA B 129 7.52 -14.91 13.90
C ALA B 129 8.96 -15.13 13.47
N TYR B 130 9.84 -14.15 13.74
CA TYR B 130 11.25 -14.32 13.43
C TYR B 130 11.87 -15.46 14.24
N ALA B 131 11.37 -15.70 15.45
CA ALA B 131 11.90 -16.79 16.26
C ALA B 131 11.54 -18.15 15.68
N LYS B 132 10.33 -18.28 15.15
CA LYS B 132 9.92 -19.56 14.55
C LYS B 132 10.67 -19.83 13.25
N TRP B 133 10.96 -18.78 12.48
CA TRP B 133 11.62 -18.95 11.20
C TRP B 133 13.12 -19.23 11.34
N VAL B 134 13.76 -18.62 12.34
CA VAL B 134 15.20 -18.74 12.52
C VAL B 134 15.49 -19.98 13.37
N GLN B 135 16.07 -20.99 12.76
CA GLN B 135 16.53 -22.18 13.46
C GLN B 135 17.96 -22.56 13.05
N SER B 136 18.27 -22.50 11.77
CA SER B 136 19.61 -22.79 11.28
C SER B 136 20.35 -21.50 10.93
N HIS B 137 21.64 -21.66 10.59
CA HIS B 137 22.43 -20.51 10.18
C HIS B 137 22.05 -20.05 8.77
N ARG B 138 21.61 -20.97 7.92
CA ARG B 138 21.20 -20.62 6.57
C ARG B 138 19.86 -19.90 6.53
N ASP B 139 19.11 -19.90 7.63
CA ASP B 139 17.86 -19.15 7.71
C ASP B 139 18.09 -17.65 7.90
N LEU B 140 19.34 -17.20 7.85
CA LEU B 140 19.72 -15.80 7.96
C LEU B 140 20.52 -15.39 6.72
N PRO B 141 20.47 -14.11 6.34
CA PRO B 141 19.73 -13.03 7.00
C PRO B 141 18.27 -12.93 6.58
N ILE B 142 17.43 -12.46 7.49
CA ILE B 142 16.03 -12.17 7.20
C ILE B 142 15.90 -10.65 7.04
N LYS B 143 15.47 -10.22 5.86
CA LYS B 143 15.33 -8.80 5.54
C LYS B 143 13.92 -8.58 4.99
N LEU B 144 13.03 -8.08 5.83
CA LEU B 144 11.62 -7.91 5.48
C LEU B 144 11.20 -6.45 5.67
N ASN B 145 10.45 -5.94 4.70
CA ASN B 145 9.93 -4.59 4.72
C ASN B 145 8.44 -4.62 4.46
N GLN B 146 7.72 -3.63 4.98
CA GLN B 146 6.29 -3.52 4.71
C GLN B 146 5.88 -2.06 4.67
N TRP B 147 4.98 -1.74 3.74
CA TRP B 147 4.38 -0.42 3.63
C TRP B 147 2.99 -0.47 4.23
N CYS B 148 2.78 0.26 5.33
CA CYS B 148 1.51 0.20 6.05
C CYS B 148 1.31 1.51 6.80
N ASN B 149 0.20 1.58 7.54
CA ASN B 149 -0.10 2.71 8.40
C ASN B 149 0.13 2.35 9.85
N VAL B 150 0.39 3.37 10.66
CA VAL B 150 0.73 3.19 12.07
C VAL B 150 0.04 4.28 12.88
N VAL B 151 -0.52 3.89 14.03
CA VAL B 151 -1.25 4.79 14.91
C VAL B 151 -0.38 5.08 16.13
N ARG B 152 -0.08 6.36 16.35
CA ARG B 152 0.64 6.83 17.54
C ARG B 152 -0.18 7.98 18.11
N TRP B 153 -1.07 7.66 19.05
CA TRP B 153 -2.08 8.61 19.53
C TRP B 153 -1.48 9.51 20.60
N GLU B 154 -0.60 10.41 20.16
CA GLU B 154 -0.02 11.39 21.06
C GLU B 154 -0.98 12.55 21.27
N PHE B 155 -1.02 13.07 22.51
CA PHE B 155 -1.88 14.19 22.85
C PHE B 155 -1.18 15.54 22.71
N LYS B 156 -0.22 15.65 21.80
CA LYS B 156 0.47 16.89 21.53
C LYS B 156 -0.15 17.56 20.31
N HIS B 157 0.32 18.77 20.00
CA HIS B 157 -0.24 19.55 18.90
C HIS B 157 -0.02 18.82 17.58
N PRO B 158 -1.08 18.48 16.85
CA PRO B 158 -0.91 17.78 15.57
C PRO B 158 -0.68 18.73 14.40
N GLN B 159 0.14 18.27 13.46
CA GLN B 159 0.43 18.97 12.23
C GLN B 159 0.29 17.99 11.07
N PRO B 160 -0.34 18.41 9.97
CA PRO B 160 -0.43 17.52 8.79
C PRO B 160 0.95 17.13 8.30
N PHE B 161 1.06 15.88 7.84
CA PHE B 161 2.32 15.28 7.41
C PHE B 161 3.33 15.18 8.54
N LEU B 162 3.64 16.31 9.19
CA LEU B 162 4.73 16.36 10.16
C LEU B 162 4.39 15.55 11.40
N ARG B 163 3.33 15.94 12.12
CA ARG B 163 2.99 15.34 13.42
C ARG B 163 1.53 14.87 13.37
N THR B 164 1.30 13.68 12.83
CA THR B 164 -0.03 13.11 12.73
C THR B 164 -0.15 11.90 13.66
N ARG B 165 -1.39 11.63 14.07
CA ARG B 165 -1.66 10.47 14.92
C ARG B 165 -1.70 9.18 14.13
N GLU B 166 -1.98 9.23 12.83
CA GLU B 166 -1.90 8.08 11.95
C GLU B 166 -1.14 8.50 10.68
N PHE B 167 -0.16 7.71 10.30
CA PHE B 167 0.68 8.05 9.14
C PHE B 167 1.03 6.78 8.37
N LEU B 168 1.16 6.94 7.05
CA LEU B 168 1.70 5.90 6.21
C LEU B 168 3.22 5.93 6.26
N TRP B 169 3.84 4.75 6.27
CA TRP B 169 5.29 4.69 6.33
C TRP B 169 5.75 3.34 5.77
N GLN B 170 7.06 3.14 5.81
CA GLN B 170 7.67 1.84 5.58
C GLN B 170 8.51 1.47 6.80
N GLU B 171 8.60 0.18 7.08
CA GLU B 171 9.41 -0.30 8.19
C GLU B 171 10.11 -1.59 7.77
N GLY B 172 11.44 -1.54 7.70
CA GLY B 172 12.24 -2.70 7.40
C GLY B 172 12.86 -3.27 8.68
N HIS B 173 12.80 -4.59 8.80
CA HIS B 173 13.31 -5.28 9.98
C HIS B 173 14.26 -6.39 9.51
N SER B 174 15.55 -6.22 9.79
CA SER B 174 16.57 -7.17 9.37
C SER B 174 17.14 -7.90 10.59
N ALA B 175 17.63 -9.11 10.34
CA ALA B 175 18.25 -9.94 11.37
C ALA B 175 19.44 -10.66 10.76
N PHE B 176 20.62 -10.47 11.34
CA PHE B 176 21.85 -11.03 10.83
C PHE B 176 22.47 -11.97 11.86
N ALA B 177 23.44 -12.75 11.39
CA ALA B 177 24.19 -13.64 12.29
C ALA B 177 25.31 -12.90 13.00
N THR B 178 26.12 -12.17 12.24
CA THR B 178 27.20 -11.36 12.79
C THR B 178 26.76 -9.90 12.89
N MET B 179 27.41 -9.17 13.80
CA MET B 179 27.06 -7.78 14.04
C MET B 179 27.68 -6.83 13.02
N GLU B 180 28.61 -7.30 12.20
CA GLU B 180 29.23 -6.43 11.20
C GLU B 180 28.25 -6.11 10.08
N GLU B 181 27.59 -7.15 9.54
CA GLU B 181 26.58 -6.92 8.50
C GLU B 181 25.40 -6.12 9.04
N ALA B 182 25.08 -6.27 10.32
CA ALA B 182 24.00 -5.48 10.91
C ALA B 182 24.38 -4.01 11.01
N ALA B 183 25.56 -3.72 11.54
CA ALA B 183 26.03 -2.33 11.63
C ALA B 183 26.26 -1.74 10.25
N GLU B 184 26.59 -2.58 9.26
CA GLU B 184 26.78 -2.07 7.91
C GLU B 184 25.46 -1.65 7.28
N GLU B 185 24.39 -2.42 7.50
CA GLU B 185 23.12 -2.11 6.87
C GLU B 185 22.46 -0.89 7.49
N VAL B 186 22.79 -0.57 8.75
CA VAL B 186 22.24 0.62 9.39
C VAL B 186 22.65 1.86 8.62
N LEU B 187 23.94 1.95 8.25
CA LEU B 187 24.42 3.07 7.47
C LEU B 187 24.03 2.99 6.00
N GLN B 188 23.76 1.78 5.49
CA GLN B 188 23.27 1.65 4.13
C GLN B 188 21.88 2.27 4.00
N ILE B 189 20.96 1.91 4.90
CA ILE B 189 19.62 2.47 4.85
C ILE B 189 19.64 3.96 5.17
N LEU B 190 20.51 4.38 6.09
CA LEU B 190 20.61 5.79 6.42
C LEU B 190 21.05 6.62 5.22
N ASP B 191 21.91 6.06 4.37
CA ASP B 191 22.31 6.76 3.16
C ASP B 191 21.18 6.80 2.14
N LEU B 192 20.37 5.74 2.07
CA LEU B 192 19.22 5.75 1.18
C LEU B 192 18.23 6.82 1.59
N TYR B 193 18.05 7.01 2.91
CA TYR B 193 17.17 8.07 3.38
C TYR B 193 17.68 9.44 2.98
N ALA B 194 19.01 9.62 2.96
CA ALA B 194 19.58 10.89 2.51
C ALA B 194 19.38 11.06 1.01
N GLN B 195 19.47 9.98 0.24
CA GLN B 195 19.21 10.06 -1.20
C GLN B 195 17.76 10.43 -1.49
N VAL B 196 16.84 10.00 -0.63
CA VAL B 196 15.43 10.36 -0.81
C VAL B 196 15.24 11.86 -0.62
N TYR B 197 15.96 12.45 0.34
CA TYR B 197 15.78 13.87 0.63
C TYR B 197 16.61 14.75 -0.30
N GLU B 198 17.81 14.30 -0.68
CA GLU B 198 18.71 15.15 -1.45
C GLU B 198 18.55 14.96 -2.95
N GLU B 199 18.54 13.72 -3.43
CA GLU B 199 18.41 13.48 -4.86
C GLU B 199 16.98 13.73 -5.35
N LEU B 200 15.98 13.33 -4.57
CA LEU B 200 14.59 13.48 -4.99
C LEU B 200 13.97 14.76 -4.46
N LEU B 201 13.82 14.85 -3.14
CA LEU B 201 13.16 16.00 -2.53
C LEU B 201 14.01 17.27 -2.56
N ALA B 202 15.28 17.17 -2.94
CA ALA B 202 16.18 18.34 -3.01
C ALA B 202 16.27 19.05 -1.66
N ILE B 203 16.30 18.26 -0.58
CA ILE B 203 16.38 18.78 0.77
C ILE B 203 17.69 18.31 1.38
N PRO B 204 18.59 19.22 1.78
CA PRO B 204 19.82 18.79 2.44
C PRO B 204 19.55 18.30 3.85
N VAL B 205 20.20 17.19 4.21
CA VAL B 205 20.03 16.59 5.52
C VAL B 205 21.40 16.38 6.15
N VAL B 206 21.42 16.34 7.48
CA VAL B 206 22.64 16.07 8.25
C VAL B 206 22.49 14.72 8.93
N LYS B 207 23.48 13.85 8.74
CA LYS B 207 23.47 12.54 9.35
C LYS B 207 24.08 12.60 10.75
N GLY B 208 23.57 11.77 11.64
CA GLY B 208 24.08 11.74 12.99
C GLY B 208 23.37 10.68 13.81
N ARG B 209 23.97 10.37 14.96
CA ARG B 209 23.39 9.43 15.91
C ARG B 209 22.60 10.19 16.96
N LYS B 210 21.49 9.59 17.39
CA LYS B 210 20.68 10.20 18.42
C LYS B 210 21.27 9.95 19.80
N THR B 211 21.06 10.92 20.70
CA THR B 211 21.55 10.81 22.06
C THR B 211 20.78 9.73 22.82
N GLU B 212 21.27 9.41 24.03
CA GLU B 212 20.65 8.37 24.83
C GLU B 212 19.22 8.72 25.23
N LYS B 213 18.85 9.99 25.21
CA LYS B 213 17.50 10.40 25.58
C LYS B 213 16.53 10.23 24.42
N GLU B 214 16.94 10.61 23.21
CA GLU B 214 16.09 10.55 22.04
C GLU B 214 16.22 9.24 21.26
N LYS B 215 17.06 8.31 21.73
CA LYS B 215 17.28 7.08 20.98
C LYS B 215 16.07 6.17 21.08
N PHE B 216 16.14 5.05 20.36
CA PHE B 216 15.08 4.05 20.37
C PHE B 216 15.18 3.24 21.66
N ALA B 217 14.17 3.34 22.51
CA ALA B 217 14.19 2.63 23.79
C ALA B 217 14.20 1.12 23.55
N GLY B 218 15.09 0.42 24.27
CA GLY B 218 15.25 -1.00 24.11
C GLY B 218 16.26 -1.42 23.06
N GLY B 219 16.75 -0.48 22.24
CA GLY B 219 17.73 -0.78 21.23
C GLY B 219 19.13 -0.37 21.64
N ASP B 220 20.06 -0.53 20.69
CA ASP B 220 21.45 -0.19 20.92
C ASP B 220 21.67 1.31 20.67
N TYR B 221 21.81 1.68 19.40
CA TYR B 221 21.95 3.08 19.02
C TYR B 221 21.01 3.41 17.87
N THR B 222 20.74 4.69 17.71
CA THR B 222 19.81 5.18 16.69
C THR B 222 20.51 6.21 15.82
N THR B 223 20.59 5.94 14.52
CA THR B 223 21.08 6.89 13.54
C THR B 223 19.90 7.56 12.86
N THR B 224 20.02 8.86 12.59
CA THR B 224 18.90 9.61 12.06
C THR B 224 19.40 10.70 11.12
N ILE B 225 18.47 11.23 10.32
CA ILE B 225 18.71 12.38 9.48
C ILE B 225 17.86 13.54 10.00
N GLU B 226 18.38 14.75 9.86
CA GLU B 226 17.72 15.94 10.36
C GLU B 226 17.69 17.01 9.28
N ALA B 227 16.56 17.70 9.17
CA ALA B 227 16.37 18.78 8.21
C ALA B 227 16.03 20.06 8.97
N PHE B 228 16.24 21.20 8.30
CA PHE B 228 16.02 22.51 8.88
C PHE B 228 14.96 23.26 8.08
N ILE B 229 14.08 23.96 8.79
CA ILE B 229 13.02 24.75 8.20
C ILE B 229 13.29 26.21 8.54
N SER B 230 13.62 27.01 7.53
CA SER B 230 14.02 28.39 7.77
C SER B 230 12.85 29.27 8.16
N ALA B 231 11.63 28.92 7.75
CA ALA B 231 10.47 29.75 8.04
C ALA B 231 10.17 29.77 9.53
N SER B 232 10.32 28.64 10.21
CA SER B 232 10.07 28.55 11.64
C SER B 232 11.33 28.42 12.47
N GLY B 233 12.50 28.28 11.84
CA GLY B 233 13.74 28.11 12.58
C GLY B 233 13.86 26.82 13.35
N ARG B 234 12.92 25.89 13.18
CA ARG B 234 12.93 24.63 13.90
C ARG B 234 13.44 23.51 12.99
N ALA B 235 14.16 22.56 13.59
CA ALA B 235 14.60 21.38 12.88
C ALA B 235 13.57 20.27 13.04
N ILE B 236 13.78 19.17 12.31
CA ILE B 236 12.83 18.07 12.30
C ILE B 236 13.55 16.80 11.89
N GLN B 237 13.11 15.68 12.45
CA GLN B 237 13.67 14.38 12.11
C GLN B 237 13.03 13.86 10.82
N GLY B 238 13.87 13.43 9.88
CA GLY B 238 13.37 12.97 8.60
C GLY B 238 13.31 11.47 8.45
N GLY B 239 14.01 10.76 9.34
CA GLY B 239 14.04 9.31 9.29
C GLY B 239 15.04 8.71 10.26
N THR B 240 14.76 7.50 10.74
CA THR B 240 15.61 6.84 11.71
C THR B 240 16.02 5.46 11.22
N SER B 241 17.20 5.03 11.66
CA SER B 241 17.73 3.71 11.34
C SER B 241 18.41 3.18 12.60
N HIS B 242 17.70 2.32 13.33
CA HIS B 242 18.16 1.83 14.62
C HIS B 242 18.87 0.49 14.45
N HIS B 243 20.01 0.35 15.13
CA HIS B 243 20.64 -0.95 15.33
C HIS B 243 20.14 -1.51 16.65
N LEU B 244 19.46 -2.65 16.61
CA LEU B 244 18.87 -3.22 17.81
C LEU B 244 19.82 -4.17 18.54
N GLY B 245 20.84 -4.68 17.87
CA GLY B 245 21.75 -5.60 18.52
C GLY B 245 21.06 -6.90 18.87
N GLN B 246 21.20 -7.32 20.13
CA GLN B 246 20.59 -8.55 20.60
C GLN B 246 19.54 -8.30 21.68
N ASN B 247 19.27 -7.04 22.03
CA ASN B 247 18.31 -6.74 23.09
C ASN B 247 16.91 -7.20 22.74
N PHE B 248 16.58 -7.34 21.46
CA PHE B 248 15.28 -7.86 21.06
C PHE B 248 15.31 -9.36 20.82
N SER B 249 16.38 -9.88 20.24
CA SER B 249 16.46 -11.32 19.99
C SER B 249 16.58 -12.12 21.28
N LYS B 250 17.11 -11.51 22.33
CA LYS B 250 17.18 -12.19 23.62
C LYS B 250 15.80 -12.32 24.26
N MET B 251 14.92 -11.35 24.03
CA MET B 251 13.62 -11.37 24.68
C MET B 251 12.60 -12.20 23.91
N PHE B 252 12.78 -12.34 22.59
CA PHE B 252 11.89 -13.13 21.76
C PHE B 252 12.49 -14.47 21.36
N GLU B 253 13.70 -14.78 21.81
CA GLU B 253 14.36 -16.06 21.57
C GLU B 253 14.53 -16.32 20.07
N ILE B 254 15.20 -15.38 19.41
CA ILE B 254 15.52 -15.51 17.98
C ILE B 254 16.95 -16.05 17.95
N VAL B 255 17.06 -17.38 17.93
CA VAL B 255 18.35 -18.05 18.04
C VAL B 255 18.59 -18.93 16.81
N PHE B 256 19.85 -19.03 16.42
CA PHE B 256 20.29 -19.91 15.35
C PHE B 256 21.43 -20.77 15.85
N GLU B 257 21.42 -22.04 15.46
CA GLU B 257 22.47 -22.96 15.89
C GLU B 257 23.80 -22.60 15.24
N ASP B 258 24.88 -22.71 16.01
CA ASP B 258 26.19 -22.42 15.49
C ASP B 258 26.56 -23.44 14.41
N PRO B 259 27.10 -23.00 13.27
CA PRO B 259 27.43 -23.95 12.21
C PRO B 259 28.57 -24.90 12.57
N LYS B 260 29.53 -24.46 13.36
CA LYS B 260 30.69 -25.27 13.72
C LYS B 260 30.57 -25.88 15.11
N ILE B 261 30.28 -25.07 16.13
CA ILE B 261 30.21 -25.54 17.50
C ILE B 261 28.89 -26.27 17.72
N PRO B 262 28.92 -27.58 18.00
CA PRO B 262 27.67 -28.34 18.14
C PRO B 262 26.95 -28.02 19.43
N GLY B 263 25.65 -27.70 19.32
CA GLY B 263 24.80 -27.44 20.45
C GLY B 263 24.72 -25.99 20.88
N GLU B 264 25.79 -25.23 20.70
CA GLU B 264 25.81 -23.84 21.12
C GLU B 264 24.98 -23.00 20.16
N LYS B 265 24.00 -22.26 20.70
CA LYS B 265 23.14 -21.39 19.89
C LYS B 265 23.49 -19.94 20.17
N GLN B 266 23.45 -19.13 19.11
CA GLN B 266 23.81 -17.72 19.18
C GLN B 266 22.59 -16.85 18.95
N PHE B 267 22.63 -15.65 19.50
CA PHE B 267 21.57 -14.67 19.28
C PHE B 267 21.85 -13.85 18.03
N ALA B 268 20.79 -13.46 17.34
CA ALA B 268 20.91 -12.73 16.09
C ALA B 268 20.97 -11.22 16.36
N TYR B 269 21.74 -10.53 15.53
CA TYR B 269 21.80 -9.07 15.57
C TYR B 269 20.76 -8.51 14.61
N GLN B 270 19.98 -7.54 15.09
CA GLN B 270 18.83 -7.05 14.35
C GLN B 270 18.90 -5.53 14.16
N ASN B 271 18.21 -5.07 13.13
CA ASN B 271 18.08 -3.65 12.82
C ASN B 271 16.63 -3.33 12.54
N SER B 272 16.32 -2.04 12.50
CA SER B 272 14.99 -1.57 12.14
C SER B 272 15.10 -0.13 11.67
N TRP B 273 14.37 0.20 10.61
CA TRP B 273 14.43 1.52 10.03
C TRP B 273 13.06 1.91 9.48
N GLY B 274 12.73 3.19 9.58
CA GLY B 274 11.45 3.67 9.12
C GLY B 274 11.49 5.03 8.43
N LEU B 275 10.60 5.20 7.44
CA LEU B 275 10.46 6.47 6.74
C LEU B 275 8.98 6.73 6.55
N THR B 276 8.52 7.88 7.02
CA THR B 276 7.09 8.20 7.06
C THR B 276 6.72 9.20 5.97
N THR B 277 5.43 9.50 5.89
CA THR B 277 4.94 10.52 4.96
C THR B 277 5.30 11.94 5.40
N ARG B 278 6.03 12.09 6.52
CA ARG B 278 6.53 13.40 6.91
C ARG B 278 7.44 14.01 5.85
N THR B 279 8.00 13.17 4.98
CA THR B 279 8.84 13.67 3.88
C THR B 279 8.12 14.74 3.06
N ILE B 280 6.82 14.55 2.81
CA ILE B 280 6.07 15.50 2.01
C ILE B 280 5.94 16.83 2.75
N GLY B 281 5.64 16.78 4.05
CA GLY B 281 5.50 18.01 4.81
C GLY B 281 6.79 18.80 4.90
N VAL B 282 7.92 18.12 5.02
CA VAL B 282 9.20 18.80 5.00
C VAL B 282 9.44 19.44 3.64
N MET B 283 9.01 18.78 2.57
CA MET B 283 9.16 19.33 1.23
C MET B 283 8.33 20.60 1.06
N THR B 284 7.09 20.58 1.56
CA THR B 284 6.23 21.76 1.42
C THR B 284 6.71 22.90 2.31
N MET B 285 7.23 22.59 3.50
CA MET B 285 7.68 23.64 4.41
C MET B 285 8.91 24.35 3.90
N VAL B 286 9.80 23.63 3.19
CA VAL B 286 11.07 24.21 2.76
C VAL B 286 10.93 24.95 1.44
N HIS B 287 10.35 24.30 0.42
CA HIS B 287 10.33 24.85 -0.93
C HIS B 287 9.06 25.62 -1.27
N GLY B 288 8.04 25.56 -0.43
CA GLY B 288 6.81 26.29 -0.70
C GLY B 288 7.01 27.79 -0.52
N ASP B 289 6.36 28.57 -1.38
CA ASP B 289 6.42 30.01 -1.34
C ASP B 289 5.02 30.59 -1.13
N ASN B 290 4.91 31.91 -1.29
CA ASN B 290 3.64 32.62 -1.09
C ASN B 290 2.65 32.42 -2.24
N MET B 291 3.04 31.71 -3.30
CA MET B 291 2.18 31.50 -4.45
C MET B 291 1.75 30.04 -4.59
N GLY B 292 1.92 29.25 -3.54
CA GLY B 292 1.49 27.86 -3.55
C GLY B 292 2.62 26.87 -3.37
N LEU B 293 2.39 25.64 -3.83
CA LEU B 293 3.36 24.56 -3.69
C LEU B 293 4.49 24.72 -4.71
N VAL B 294 5.59 24.02 -4.45
CA VAL B 294 6.72 23.93 -5.36
C VAL B 294 7.23 22.49 -5.31
N LEU B 295 7.09 21.77 -6.42
CA LEU B 295 7.47 20.36 -6.43
C LEU B 295 8.81 20.17 -7.12
N PRO B 296 9.74 19.43 -6.52
CA PRO B 296 10.97 19.06 -7.22
C PRO B 296 10.65 18.19 -8.42
N PRO B 297 11.35 18.37 -9.54
CA PRO B 297 11.01 17.62 -10.76
C PRO B 297 11.21 16.11 -10.63
N ARG B 298 12.00 15.65 -9.64
CA ARG B 298 12.23 14.21 -9.51
C ARG B 298 10.97 13.49 -9.02
N VAL B 299 10.33 14.01 -7.98
CA VAL B 299 9.10 13.44 -7.45
C VAL B 299 7.88 14.08 -8.08
N ALA B 300 8.05 14.86 -9.14
CA ALA B 300 6.92 15.57 -9.75
C ALA B 300 6.01 14.58 -10.49
N CYS B 301 4.76 14.48 -10.04
CA CYS B 301 3.77 13.68 -10.76
C CYS B 301 3.50 14.27 -12.15
N VAL B 302 3.49 15.59 -12.25
CA VAL B 302 3.33 16.30 -13.52
C VAL B 302 4.48 17.30 -13.61
N GLN B 303 5.47 17.01 -14.47
CA GLN B 303 6.62 17.89 -14.60
C GLN B 303 6.29 19.13 -15.42
N VAL B 304 5.55 18.98 -16.52
CA VAL B 304 5.12 20.09 -17.35
C VAL B 304 3.63 19.94 -17.62
N VAL B 305 2.94 21.08 -17.73
CA VAL B 305 1.51 21.10 -17.97
C VAL B 305 1.24 21.98 -19.20
N ILE B 306 0.56 21.41 -20.18
CA ILE B 306 0.19 22.14 -21.39
C ILE B 306 -1.13 22.85 -21.14
N ILE B 307 -1.13 24.16 -21.28
CA ILE B 307 -2.35 24.96 -21.06
C ILE B 307 -2.64 25.79 -22.29
N PRO B 308 -3.72 25.52 -23.02
CA PRO B 308 -4.08 26.36 -24.17
C PRO B 308 -4.63 27.72 -23.74
N CYS B 309 -3.85 28.77 -23.97
CA CYS B 309 -4.22 30.12 -23.59
C CYS B 309 -4.47 30.98 -24.83
N GLY B 310 -5.01 32.16 -24.60
CA GLY B 310 -5.28 33.13 -25.66
C GLY B 310 -6.74 33.31 -25.99
N ILE B 311 -7.64 32.53 -25.38
CA ILE B 311 -9.06 32.63 -25.67
C ILE B 311 -9.62 33.94 -25.13
N LEU B 315 -11.75 33.32 -30.88
CA LEU B 315 -12.36 33.86 -32.10
C LEU B 315 -12.49 32.79 -33.17
N SER B 316 -11.43 32.62 -33.96
CA SER B 316 -11.42 31.63 -35.04
C SER B 316 -11.48 30.23 -34.46
N GLU B 317 -12.65 29.59 -34.54
CA GLU B 317 -12.79 28.24 -34.00
C GLU B 317 -11.98 27.22 -34.80
N GLU B 318 -11.82 27.44 -36.11
CA GLU B 318 -11.01 26.54 -36.91
C GLU B 318 -9.55 26.60 -36.47
N ASP B 319 -9.03 27.81 -36.23
CA ASP B 319 -7.68 27.94 -35.70
C ASP B 319 -7.62 27.56 -34.22
N LYS B 320 -8.73 27.69 -33.49
CA LYS B 320 -8.76 27.26 -32.10
C LYS B 320 -8.63 25.75 -31.99
N GLU B 321 -9.21 25.02 -32.95
CA GLU B 321 -9.03 23.57 -32.98
C GLU B 321 -7.59 23.21 -33.29
N ALA B 322 -6.93 24.01 -34.14
CA ALA B 322 -5.51 23.81 -34.40
C ALA B 322 -4.67 24.14 -33.18
N LEU B 323 -5.15 25.03 -32.32
CA LEU B 323 -4.44 25.31 -31.08
C LEU B 323 -4.48 24.11 -30.13
N ILE B 324 -5.64 23.49 -29.99
CA ILE B 324 -5.73 22.25 -29.22
C ILE B 324 -4.93 21.14 -29.90
N ALA B 325 -4.91 21.12 -31.23
CA ALA B 325 -4.09 20.14 -31.94
C ALA B 325 -2.62 20.36 -31.65
N LYS B 326 -2.17 21.62 -31.63
CA LYS B 326 -0.77 21.91 -31.30
C LYS B 326 -0.44 21.53 -29.87
N CYS B 327 -1.42 21.61 -28.96
CA CYS B 327 -1.18 21.19 -27.59
C CYS B 327 -0.90 19.69 -27.50
N ASN B 328 -1.66 18.89 -28.25
CA ASN B 328 -1.46 17.45 -28.23
C ASN B 328 -0.12 17.07 -28.87
N ASP B 329 0.37 17.86 -29.83
CA ASP B 329 1.68 17.59 -30.40
C ASP B 329 2.78 17.79 -29.37
N TYR B 330 2.69 18.86 -28.57
CA TYR B 330 3.64 19.07 -27.50
C TYR B 330 3.56 17.95 -26.47
N ARG B 331 2.34 17.56 -26.09
CA ARG B 331 2.18 16.48 -25.12
C ARG B 331 2.65 15.15 -25.69
N ARG B 332 2.56 14.96 -27.01
CA ARG B 332 3.02 13.72 -27.62
C ARG B 332 4.53 13.71 -27.81
N ARG B 333 5.14 14.88 -28.03
CA ARG B 333 6.59 14.93 -28.20
C ARG B 333 7.32 14.88 -26.86
N LEU B 334 6.74 15.46 -25.81
CA LEU B 334 7.38 15.44 -24.51
C LEU B 334 7.29 14.08 -23.84
N LEU B 335 6.40 13.20 -24.30
CA LEU B 335 6.34 11.85 -23.76
C LEU B 335 7.48 10.98 -24.29
N SER B 336 8.01 11.30 -25.48
CA SER B 336 9.07 10.49 -26.07
C SER B 336 10.38 10.63 -25.28
N VAL B 337 10.59 11.77 -24.64
CA VAL B 337 11.76 11.99 -23.81
C VAL B 337 11.47 11.66 -22.34
N ASN B 338 10.38 10.92 -22.07
CA ASN B 338 10.03 10.50 -20.71
C ASN B 338 9.85 11.70 -19.75
N ILE B 339 9.41 12.83 -20.28
CA ILE B 339 9.07 13.99 -19.47
C ILE B 339 7.58 13.94 -19.16
N ARG B 340 7.24 13.79 -17.89
CA ARG B 340 5.85 13.67 -17.47
C ARG B 340 5.08 14.93 -17.82
N VAL B 341 4.11 14.79 -18.73
CA VAL B 341 3.39 15.91 -19.29
C VAL B 341 1.89 15.67 -19.17
N ARG B 342 1.14 16.72 -18.90
CA ARG B 342 -0.32 16.68 -18.91
C ARG B 342 -0.83 17.87 -19.72
N ALA B 343 -1.80 17.61 -20.59
CA ALA B 343 -2.41 18.65 -21.42
C ALA B 343 -3.79 18.96 -20.86
N ASP B 344 -3.93 20.10 -20.21
CA ASP B 344 -5.19 20.52 -19.60
C ASP B 344 -6.06 21.16 -20.67
N LEU B 345 -6.67 20.30 -21.49
CA LEU B 345 -7.55 20.74 -22.57
C LEU B 345 -9.00 20.85 -22.13
N ARG B 346 -9.25 21.05 -20.83
CA ARG B 346 -10.61 21.14 -20.33
C ARG B 346 -11.28 22.41 -20.85
N ASP B 347 -12.34 22.23 -21.65
CA ASP B 347 -13.09 23.35 -22.19
C ASP B 347 -14.02 23.99 -21.17
N ASN B 348 -14.05 23.49 -19.93
CA ASN B 348 -14.91 24.02 -18.89
C ASN B 348 -14.18 24.88 -17.89
N TYR B 349 -12.90 25.18 -18.13
CA TYR B 349 -12.10 26.00 -17.24
C TYR B 349 -11.38 27.07 -18.02
N SER B 350 -11.30 28.27 -17.44
CA SER B 350 -10.59 29.37 -18.07
C SER B 350 -9.08 29.12 -18.04
N PRO B 351 -8.35 29.63 -19.03
CA PRO B 351 -6.87 29.52 -18.98
C PRO B 351 -6.28 30.24 -17.78
N GLY B 352 -6.85 31.38 -17.38
CA GLY B 352 -6.41 32.03 -16.17
C GLY B 352 -6.69 31.22 -14.93
N TRP B 353 -7.77 30.45 -14.93
CA TRP B 353 -8.04 29.54 -13.82
C TRP B 353 -6.97 28.46 -13.74
N LYS B 354 -6.61 27.88 -14.89
CA LYS B 354 -5.62 26.81 -14.92
C LYS B 354 -4.23 27.30 -14.55
N PHE B 355 -3.95 28.59 -14.72
CA PHE B 355 -2.61 29.11 -14.41
C PHE B 355 -2.34 29.01 -12.91
N ASN B 356 -3.13 29.69 -12.09
CA ASN B 356 -2.93 29.62 -10.65
C ASN B 356 -3.32 28.28 -10.06
N HIS B 357 -4.17 27.51 -10.75
CA HIS B 357 -4.52 26.18 -10.25
C HIS B 357 -3.30 25.25 -10.28
N TRP B 358 -2.65 25.15 -11.44
CA TRP B 358 -1.44 24.34 -11.53
C TRP B 358 -0.26 25.00 -10.83
N GLU B 359 -0.31 26.31 -10.61
CA GLU B 359 0.74 26.98 -9.85
C GLU B 359 0.64 26.63 -8.37
N LEU B 360 -0.58 26.50 -7.85
CA LEU B 360 -0.76 26.10 -6.46
C LEU B 360 -0.33 24.65 -6.24
N LYS B 361 -0.38 23.82 -7.28
CA LYS B 361 0.04 22.43 -7.17
C LYS B 361 1.54 22.24 -7.32
N GLY B 362 2.27 23.29 -7.71
CA GLY B 362 3.71 23.19 -7.78
C GLY B 362 4.26 22.51 -9.02
N VAL B 363 3.56 22.60 -10.15
CA VAL B 363 4.09 22.03 -11.39
C VAL B 363 5.33 22.80 -11.79
N PRO B 364 6.47 22.13 -12.03
CA PRO B 364 7.72 22.87 -12.28
C PRO B 364 7.66 23.80 -13.48
N ILE B 365 7.06 23.37 -14.58
CA ILE B 365 7.02 24.15 -15.82
C ILE B 365 5.58 24.23 -16.32
N ARG B 366 5.15 25.42 -16.71
CA ARG B 366 3.88 25.63 -17.38
C ARG B 366 4.16 26.01 -18.84
N LEU B 367 3.70 25.16 -19.76
CA LEU B 367 3.90 25.38 -21.19
C LEU B 367 2.62 26.02 -21.74
N GLU B 368 2.69 27.33 -22.00
CA GLU B 368 1.57 28.07 -22.57
C GLU B 368 1.76 28.21 -24.07
N VAL B 369 0.66 28.15 -24.81
CA VAL B 369 0.69 28.23 -26.26
C VAL B 369 -0.42 29.15 -26.76
N GLY B 370 -0.06 30.37 -27.14
CA GLY B 370 -1.01 31.31 -27.66
C GLY B 370 -1.19 31.19 -29.16
N PRO B 371 -2.27 31.76 -29.69
CA PRO B 371 -2.50 31.70 -31.14
C PRO B 371 -1.40 32.37 -31.95
N ARG B 372 -0.91 33.52 -31.49
CA ARG B 372 0.18 34.19 -32.19
C ARG B 372 1.48 33.39 -32.09
N ASP B 373 1.72 32.76 -30.94
CA ASP B 373 2.90 31.92 -30.80
C ASP B 373 2.81 30.65 -31.64
N MET B 374 1.59 30.13 -31.84
CA MET B 374 1.42 28.95 -32.67
C MET B 374 1.73 29.27 -34.13
N LYS B 375 1.33 30.45 -34.60
CA LYS B 375 1.56 30.87 -35.99
C LYS B 375 2.90 31.58 -36.17
N SER B 376 3.88 31.30 -35.31
CA SER B 376 5.18 31.94 -35.45
C SER B 376 6.32 31.10 -34.89
N CYS B 377 6.10 29.80 -34.66
CA CYS B 377 7.12 28.89 -34.11
C CYS B 377 7.60 29.37 -32.74
N GLN B 378 6.63 29.71 -31.87
CA GLN B 378 6.93 30.22 -30.54
C GLN B 378 6.12 29.48 -29.49
N PHE B 379 6.68 29.38 -28.29
CA PHE B 379 5.92 29.02 -27.10
C PHE B 379 6.72 29.51 -25.90
N VAL B 380 6.02 29.64 -24.78
CA VAL B 380 6.59 30.20 -23.56
C VAL B 380 6.61 29.14 -22.47
N ALA B 381 7.76 29.00 -21.81
CA ALA B 381 7.93 28.11 -20.68
C ALA B 381 8.13 28.94 -19.42
N VAL B 382 7.38 28.61 -18.36
CA VAL B 382 7.39 29.37 -17.12
C VAL B 382 7.89 28.45 -16.01
N ARG B 383 8.98 28.86 -15.35
CA ARG B 383 9.52 28.09 -14.24
C ARG B 383 8.75 28.39 -12.96
N ARG B 384 8.58 27.36 -12.13
CA ARG B 384 7.86 27.52 -10.87
C ARG B 384 8.75 28.08 -9.77
N ASP B 385 10.05 27.74 -9.79
CA ASP B 385 10.93 28.17 -8.70
C ASP B 385 11.27 29.64 -8.79
N THR B 386 11.57 30.14 -9.99
CA THR B 386 11.99 31.52 -10.17
C THR B 386 10.98 32.40 -10.87
N GLY B 387 9.97 31.82 -11.51
CA GLY B 387 9.00 32.62 -12.24
C GLY B 387 9.50 33.21 -13.53
N GLU B 388 10.52 32.61 -14.14
CA GLU B 388 11.10 33.12 -15.38
C GLU B 388 10.21 32.73 -16.56
N LYS B 389 9.68 33.74 -17.26
CA LYS B 389 8.86 33.52 -18.45
C LYS B 389 9.77 33.62 -19.66
N LEU B 390 10.25 32.45 -20.13
CA LEU B 390 11.17 32.38 -21.25
C LEU B 390 10.44 31.82 -22.47
N THR B 391 10.58 32.51 -23.60
CA THR B 391 9.98 32.06 -24.85
C THR B 391 10.92 31.11 -25.57
N VAL B 392 10.40 29.97 -25.99
CA VAL B 392 11.18 28.93 -26.66
C VAL B 392 10.51 28.59 -27.98
N ALA B 393 11.31 28.30 -29.00
CA ALA B 393 10.78 27.91 -30.29
C ALA B 393 10.28 26.47 -30.26
N GLU B 394 9.62 26.07 -31.34
CA GLU B 394 9.08 24.71 -31.44
C GLU B 394 10.15 23.74 -31.94
N ASN B 395 11.39 23.98 -31.54
CA ASN B 395 12.51 23.12 -31.92
C ASN B 395 13.13 22.43 -30.71
N GLU B 396 13.57 23.19 -29.71
CA GLU B 396 14.18 22.64 -28.51
C GLU B 396 13.17 22.29 -27.44
N ALA B 397 11.93 21.98 -27.83
CA ALA B 397 10.90 21.65 -26.86
C ALA B 397 11.24 20.38 -26.08
N GLU B 398 12.05 19.51 -26.67
CA GLU B 398 12.47 18.29 -25.99
C GLU B 398 13.74 18.48 -25.18
N THR B 399 14.58 19.44 -25.55
CA THR B 399 15.86 19.65 -24.89
C THR B 399 15.86 20.82 -23.92
N LYS B 400 15.21 21.94 -24.29
CA LYS B 400 15.21 23.11 -23.41
C LYS B 400 14.41 22.84 -22.14
N LEU B 401 13.21 22.27 -22.29
CA LEU B 401 12.41 21.93 -21.11
C LEU B 401 13.10 20.88 -20.26
N GLN B 402 13.84 19.95 -20.90
CA GLN B 402 14.63 18.99 -20.13
C GLN B 402 15.75 19.69 -19.37
N ALA B 403 16.39 20.69 -19.99
CA ALA B 403 17.44 21.43 -19.32
C ALA B 403 16.90 22.28 -18.18
N ILE B 404 15.66 22.75 -18.30
CA ILE B 404 15.06 23.55 -17.23
C ILE B 404 14.69 22.66 -16.05
N LEU B 405 14.14 21.47 -16.32
CA LEU B 405 13.75 20.57 -15.26
C LEU B 405 14.94 20.20 -14.38
N GLU B 406 16.09 19.92 -14.99
CA GLU B 406 17.29 19.66 -14.20
C GLU B 406 17.80 20.94 -13.55
N ASP B 407 17.57 22.09 -14.18
CA ASP B 407 17.97 23.36 -13.57
C ASP B 407 17.07 23.73 -12.41
N ILE B 408 15.81 23.29 -12.43
CA ILE B 408 14.91 23.54 -11.31
C ILE B 408 15.32 22.73 -10.09
N GLN B 409 15.69 21.46 -10.31
CA GLN B 409 16.07 20.59 -9.20
C GLN B 409 17.28 21.12 -8.44
N VAL B 410 18.30 21.58 -9.18
CA VAL B 410 19.53 22.03 -8.52
C VAL B 410 19.29 23.38 -7.85
N THR B 411 18.46 24.24 -8.45
CA THR B 411 18.20 25.56 -7.87
C THR B 411 17.47 25.44 -6.53
N LEU B 412 16.50 24.54 -6.44
CA LEU B 412 15.80 24.34 -5.17
C LEU B 412 16.74 23.78 -4.11
N PHE B 413 17.65 22.88 -4.51
CA PHE B 413 18.58 22.31 -3.55
C PHE B 413 19.64 23.33 -3.13
N THR B 414 19.97 24.27 -4.02
CA THR B 414 20.98 25.28 -3.68
C THR B 414 20.44 26.28 -2.67
N ARG B 415 19.17 26.69 -2.82
CA ARG B 415 18.58 27.63 -1.88
C ARG B 415 18.45 27.01 -0.49
N ALA B 416 18.11 25.72 -0.44
CA ALA B 416 17.93 25.05 0.85
C ALA B 416 19.26 24.66 1.48
N SER B 417 20.27 24.32 0.67
CA SER B 417 21.59 24.02 1.21
C SER B 417 22.26 25.28 1.75
N GLU B 418 21.97 26.44 1.14
CA GLU B 418 22.51 27.70 1.65
C GLU B 418 21.79 28.13 2.92
N ASP B 419 20.48 27.92 2.98
CA ASP B 419 19.73 28.24 4.20
C ASP B 419 20.20 27.40 5.38
N LEU B 420 20.70 26.19 5.12
CA LEU B 420 21.22 25.37 6.20
C LEU B 420 22.57 25.89 6.68
N LYS B 421 23.40 26.37 5.76
CA LYS B 421 24.72 26.88 6.14
C LYS B 421 24.62 28.19 6.92
N THR B 422 23.55 28.95 6.72
CA THR B 422 23.41 30.23 7.39
C THR B 422 22.90 30.09 8.83
N HIS B 423 22.16 29.02 9.11
CA HIS B 423 21.49 28.87 10.40
C HIS B 423 21.99 27.67 11.20
N MET B 424 23.07 27.02 10.77
CA MET B 424 23.68 25.94 11.54
C MET B 424 25.07 26.40 11.93
N VAL B 425 25.20 26.94 13.14
CA VAL B 425 26.47 27.48 13.63
C VAL B 425 26.94 26.68 14.82
N VAL B 426 28.03 27.13 15.46
CA VAL B 426 28.63 26.43 16.58
C VAL B 426 28.81 27.40 17.73
N ALA B 427 28.43 26.97 18.93
CA ALA B 427 28.64 27.74 20.15
C ALA B 427 29.23 26.82 21.21
N ASN B 428 30.11 27.38 22.04
CA ASN B 428 30.80 26.61 23.07
C ASN B 428 30.39 27.00 24.49
N THR B 429 29.61 28.06 24.66
CA THR B 429 29.13 28.49 25.97
C THR B 429 27.62 28.59 25.96
N MET B 430 27.02 28.40 27.14
CA MET B 430 25.57 28.50 27.27
C MET B 430 25.07 29.90 26.96
N GLU B 431 25.93 30.92 27.15
CA GLU B 431 25.55 32.29 26.83
C GLU B 431 25.34 32.45 25.33
N ASP B 432 26.30 32.03 24.52
CA ASP B 432 26.15 32.10 23.08
C ASP B 432 25.12 31.11 22.55
N PHE B 433 24.81 30.06 23.33
CA PHE B 433 23.80 29.08 22.97
C PHE B 433 22.45 29.76 22.72
N GLN B 434 21.85 30.29 23.79
CA GLN B 434 20.49 30.80 23.68
C GLN B 434 20.41 32.04 22.80
N LYS B 435 21.51 32.79 22.66
CA LYS B 435 21.50 33.99 21.85
C LYS B 435 21.23 33.66 20.38
N ILE B 436 22.06 32.78 19.80
CA ILE B 436 21.86 32.39 18.41
C ILE B 436 20.65 31.47 18.26
N LEU B 437 20.22 30.82 19.34
CA LEU B 437 19.02 30.01 19.28
C LEU B 437 17.78 30.88 19.10
N ASP B 438 17.74 32.03 19.76
CA ASP B 438 16.63 32.96 19.61
C ASP B 438 16.65 33.71 18.28
N SER B 439 17.70 33.53 17.47
CA SER B 439 17.78 34.12 16.15
C SER B 439 17.21 33.22 15.06
N GLY B 440 16.57 32.11 15.45
CA GLY B 440 16.03 31.18 14.48
C GLY B 440 17.04 30.24 13.88
N LYS B 441 18.08 29.88 14.63
CA LYS B 441 19.15 29.04 14.14
C LYS B 441 19.29 27.79 15.01
N ILE B 442 19.93 26.78 14.45
CA ILE B 442 20.32 25.58 15.19
C ILE B 442 21.82 25.64 15.41
N VAL B 443 22.26 25.08 16.54
CA VAL B 443 23.63 25.26 17.01
C VAL B 443 24.22 23.92 17.41
N GLN B 444 25.50 23.74 17.09
CA GLN B 444 26.29 22.59 17.54
C GLN B 444 27.09 23.00 18.77
N ILE B 445 26.86 22.31 19.88
CA ILE B 445 27.50 22.65 21.15
C ILE B 445 28.28 21.44 21.63
N PRO B 446 29.29 21.66 22.46
CA PRO B 446 29.91 20.52 23.16
C PRO B 446 28.99 20.01 24.26
N PHE B 447 28.68 18.72 24.22
CA PHE B 447 27.69 18.12 25.08
C PHE B 447 28.28 16.93 25.82
N CYS B 448 27.92 16.80 27.09
CA CYS B 448 28.42 15.69 27.90
C CYS B 448 27.68 14.38 27.64
N GLY B 449 26.46 14.45 27.12
CA GLY B 449 25.70 13.26 26.77
C GLY B 449 24.76 12.76 27.83
N GLU B 450 24.66 13.44 28.97
CA GLU B 450 23.80 12.99 30.06
C GLU B 450 22.35 13.37 29.79
N ILE B 451 21.44 12.50 30.21
CA ILE B 451 20.01 12.78 30.05
C ILE B 451 19.60 13.94 30.93
N ASP B 452 20.15 14.03 32.14
CA ASP B 452 19.78 15.10 33.06
C ASP B 452 20.25 16.45 32.53
N CYS B 453 21.43 16.50 31.91
CA CYS B 453 21.91 17.74 31.33
C CYS B 453 21.09 18.14 30.10
N GLU B 454 20.63 17.15 29.33
CA GLU B 454 19.80 17.45 28.17
C GLU B 454 18.45 18.00 28.59
N ASP B 455 17.92 17.57 29.74
CA ASP B 455 16.68 18.13 30.24
C ASP B 455 16.88 19.55 30.76
N TRP B 456 18.05 19.85 31.32
CA TRP B 456 18.33 21.19 31.80
C TRP B 456 18.47 22.18 30.64
N ILE B 457 18.95 21.72 29.49
CA ILE B 457 19.08 22.60 28.33
C ILE B 457 17.70 23.01 27.83
N LYS B 458 16.76 22.08 27.77
CA LYS B 458 15.41 22.41 27.31
C LYS B 458 14.71 23.38 28.25
N LYS B 459 14.98 23.28 29.56
CA LYS B 459 14.32 24.14 30.51
C LYS B 459 14.93 25.54 30.53
N THR B 460 16.24 25.64 30.35
CA THR B 460 16.90 26.95 30.42
C THR B 460 16.71 27.74 29.13
N THR B 461 16.80 27.06 27.97
CA THR B 461 16.66 27.74 26.69
C THR B 461 15.23 28.17 26.38
N ALA B 462 14.26 27.84 27.24
CA ALA B 462 12.88 28.28 27.05
C ALA B 462 12.50 29.46 27.92
N ARG B 463 13.27 29.75 28.97
CA ARG B 463 12.99 30.87 29.85
C ARG B 463 13.93 32.04 29.58
N MET B 474 9.11 25.68 23.02
CA MET B 474 10.00 26.81 23.25
C MET B 474 11.34 26.36 23.83
N GLY B 475 11.42 25.08 24.19
CA GLY B 475 12.64 24.51 24.73
C GLY B 475 13.45 23.81 23.64
N ALA B 476 14.76 24.06 23.64
CA ALA B 476 15.64 23.46 22.65
C ALA B 476 15.91 22.00 23.01
N LYS B 477 15.74 21.12 22.03
CA LYS B 477 16.02 19.70 22.21
C LYS B 477 17.22 19.29 21.37
N SER B 478 17.81 18.16 21.73
CA SER B 478 18.92 17.61 20.96
C SER B 478 18.38 16.97 19.69
N LEU B 479 19.02 17.29 18.56
CA LEU B 479 18.59 16.80 17.26
C LEU B 479 19.35 15.56 16.83
N CYS B 480 20.68 15.67 16.72
CA CYS B 480 21.51 14.52 16.40
C CYS B 480 22.96 14.85 16.72
N ILE B 481 23.77 13.81 16.83
CA ILE B 481 25.22 13.95 17.01
C ILE B 481 25.87 13.76 15.64
N PRO B 482 26.22 14.84 14.94
CA PRO B 482 26.69 14.70 13.56
C PRO B 482 27.90 13.80 13.44
N PHE B 483 27.86 12.87 12.49
CA PHE B 483 29.01 12.03 12.22
C PHE B 483 30.22 12.87 11.81
N LYS B 484 29.98 13.93 11.04
CA LYS B 484 31.01 14.88 10.64
C LYS B 484 30.61 16.26 11.13
N PRO B 485 30.92 16.61 12.37
CA PRO B 485 30.53 17.93 12.89
C PRO B 485 31.27 19.04 12.17
N LEU B 486 30.79 20.27 12.41
CA LEU B 486 31.41 21.44 11.80
C LEU B 486 32.85 21.60 12.26
N CYS B 487 33.13 21.26 13.51
CA CYS B 487 34.48 21.33 14.06
C CYS B 487 34.71 20.12 14.96
N GLU B 488 35.97 19.70 15.03
CA GLU B 488 36.35 18.62 15.93
C GLU B 488 36.41 19.13 17.36
N LEU B 489 35.95 18.30 18.29
CA LEU B 489 35.95 18.67 19.70
C LEU B 489 37.39 18.80 20.20
N GLN B 490 37.73 19.97 20.72
CA GLN B 490 39.08 20.18 21.22
C GLN B 490 39.35 19.28 22.42
N PRO B 491 40.56 18.74 22.54
CA PRO B 491 40.85 17.80 23.64
C PRO B 491 40.70 18.47 25.00
N GLY B 492 39.86 17.88 25.84
CA GLY B 492 39.59 18.43 27.16
C GLY B 492 38.47 19.43 27.22
N ALA B 493 37.65 19.54 26.17
CA ALA B 493 36.56 20.49 26.17
C ALA B 493 35.48 20.08 27.17
N LYS B 494 34.82 21.08 27.73
CA LYS B 494 33.75 20.87 28.69
C LYS B 494 32.38 21.12 28.05
N CYS B 495 31.36 20.50 28.64
CA CYS B 495 30.00 20.68 28.16
C CYS B 495 29.50 22.08 28.51
N VAL B 496 28.35 22.44 27.90
CA VAL B 496 27.74 23.74 28.21
C VAL B 496 27.26 23.81 29.65
N CYS B 497 27.10 22.66 30.31
CA CYS B 497 26.73 22.68 31.72
C CYS B 497 27.91 23.08 32.60
N GLY B 498 29.11 22.62 32.26
CA GLY B 498 30.30 22.92 33.03
C GLY B 498 30.62 21.93 34.13
N LYS B 499 29.79 20.90 34.32
CA LYS B 499 29.98 19.94 35.39
C LYS B 499 30.57 18.61 34.91
N ASN B 500 30.56 18.36 33.60
CA ASN B 500 31.05 17.10 33.05
C ASN B 500 31.80 17.37 31.76
N PRO B 501 32.79 16.55 31.42
CA PRO B 501 33.50 16.74 30.16
C PRO B 501 32.61 16.45 28.96
N ALA B 502 32.81 17.23 27.90
CA ALA B 502 32.05 17.05 26.68
C ALA B 502 32.57 15.85 25.90
N LYS B 503 31.66 15.07 25.33
CA LYS B 503 32.02 13.87 24.59
C LYS B 503 31.97 14.05 23.09
N TYR B 504 31.19 15.02 22.59
CA TYR B 504 31.00 15.20 21.15
C TYR B 504 30.26 16.51 20.93
N TYR B 505 30.11 16.87 19.66
CA TYR B 505 29.27 17.99 19.26
C TYR B 505 27.89 17.47 18.89
N THR B 506 26.85 18.10 19.43
CA THR B 506 25.47 17.74 19.15
C THR B 506 24.73 18.94 18.56
N LEU B 507 23.86 18.66 17.61
CA LEU B 507 23.02 19.70 17.02
C LEU B 507 21.80 19.92 17.91
N PHE B 508 21.68 21.14 18.45
CA PHE B 508 20.56 21.50 19.31
C PHE B 508 19.68 22.54 18.61
N GLY B 509 18.44 22.62 19.06
CA GLY B 509 17.49 23.57 18.51
C GLY B 509 16.08 23.12 18.72
N ARG B 510 15.16 24.08 18.56
CA ARG B 510 13.74 23.77 18.68
C ARG B 510 13.31 22.84 17.56
N SER B 511 12.38 21.93 17.89
CA SER B 511 11.99 20.87 16.98
C SER B 511 10.47 20.74 16.92
N TYR B 512 9.99 20.09 15.88
CA TYR B 512 8.58 19.80 15.72
C TYR B 512 8.17 18.60 16.57
#